data_7RJ0
#
_entry.id   7RJ0
#
_cell.length_a   61.095
_cell.length_b   77.591
_cell.length_c   154.052
_cell.angle_alpha   90.000
_cell.angle_beta   90.000
_cell.angle_gamma   90.000
#
_symmetry.space_group_name_H-M   'P 21 21 2'
#
loop_
_entity.id
_entity.type
_entity.pdbx_description
1 polymer 'Gamma-crystallin S'
2 water water
#
_entity_poly.entity_id   1
_entity_poly.type   'polypeptide(L)'
_entity_poly.pdbx_seq_one_letter_code
;SKTGGKISFYEDRNFLGRRYDCDCDCADFRSYLSRCNSIRVEGGTWAVYERPNFSGH(MSE)YILPQGEYPEYQRW
(MSE)GLNDRLGSCRAVHLSSGGQAKIQVFEKGDFNGQ(MSE)YETTEDCPSI(MSE)EQFHLREIHSCKVVEGTWIFYE
LPNYRGRQYLLDKKEYRKPVDWGAASPAIQSFRRIVE
;
_entity_poly.pdbx_strand_id   B,A,C,D
#
# COMPACT_ATOMS: atom_id res chain seq x y z
N SER A 1 0.99 4.93 2.25
CA SER A 1 -0.23 5.73 2.36
C SER A 1 -0.79 6.13 0.98
N LYS A 2 -0.35 5.42 -0.07
CA LYS A 2 -0.97 5.48 -1.41
C LYS A 2 -0.69 6.79 -2.14
N THR A 3 0.08 7.70 -1.54
CA THR A 3 0.57 8.85 -2.29
C THR A 3 2.12 8.87 -2.22
N GLY A 4 2.73 7.69 -2.10
CA GLY A 4 4.15 7.54 -1.84
C GLY A 4 4.46 7.09 -0.44
N GLY A 5 3.45 6.73 0.35
CA GLY A 5 3.64 6.39 1.75
C GLY A 5 4.41 5.09 1.97
N LYS A 6 5.58 5.18 2.60
CA LYS A 6 6.35 3.99 2.90
C LYS A 6 7.18 4.21 4.17
N ILE A 7 7.54 3.11 4.80
CA ILE A 7 8.27 3.16 6.05
C ILE A 7 9.26 1.99 6.06
N SER A 8 10.43 2.22 6.62
CA SER A 8 11.53 1.27 6.56
C SER A 8 12.09 1.07 7.95
N PHE A 9 12.10 -0.18 8.41
CA PHE A 9 12.63 -0.54 9.72
C PHE A 9 14.03 -1.16 9.59
N TYR A 10 14.90 -0.81 10.54
CA TYR A 10 16.30 -1.19 10.59
C TYR A 10 16.61 -1.82 11.94
N GLU A 11 17.55 -2.75 11.96
CA GLU A 11 17.74 -3.48 13.19
C GLU A 11 18.90 -2.94 13.99
N ASP A 12 19.55 -1.88 13.52
CA ASP A 12 20.66 -1.25 14.22
C ASP A 12 20.46 0.25 14.24
N ARG A 13 21.08 0.92 15.21
CA ARG A 13 21.05 2.38 15.25
C ARG A 13 21.68 2.95 13.98
N ASN A 14 21.13 4.10 13.57
CA ASN A 14 21.65 4.89 12.45
C ASN A 14 21.52 4.14 11.13
N PHE A 15 20.41 3.41 10.97
CA PHE A 15 20.00 2.90 9.67
C PHE A 15 20.95 1.81 9.15
N LEU A 16 21.06 0.73 9.92
CA LEU A 16 22.01 -0.33 9.61
C LEU A 16 21.44 -1.65 10.08
N GLY A 17 22.08 -2.73 9.69
CA GLY A 17 21.44 -4.02 9.82
C GLY A 17 20.55 -4.35 8.63
N ARG A 18 19.72 -5.38 8.84
CA ARG A 18 18.64 -5.65 7.90
C ARG A 18 17.61 -4.52 7.93
N ARG A 19 17.04 -4.27 6.75
CA ARG A 19 16.02 -3.26 6.55
C ARG A 19 14.77 -3.97 6.09
N TYR A 20 13.62 -3.69 6.72
CA TYR A 20 12.35 -4.17 6.17
C TYR A 20 11.45 -2.99 5.79
N ASP A 21 10.86 -3.07 4.59
CA ASP A 21 10.02 -2.02 4.02
C ASP A 21 8.57 -2.46 3.89
N CYS A 22 7.69 -1.50 4.11
CA CYS A 22 6.25 -1.66 4.27
C CYS A 22 5.54 -0.54 3.49
N ASP A 23 4.59 -0.89 2.62
CA ASP A 23 3.75 0.12 1.96
C ASP A 23 2.37 0.23 2.58
N CYS A 24 1.89 -0.81 3.24
CA CYS A 24 0.53 -0.86 3.76
C CYS A 24 0.59 -1.26 5.24
N ASP A 25 -0.55 -1.68 5.76
CA ASP A 25 -0.56 -2.32 7.07
C ASP A 25 0.28 -3.58 7.01
N CYS A 26 0.87 -3.93 8.15
CA CYS A 26 1.59 -5.21 8.23
C CYS A 26 1.50 -5.69 9.65
N ALA A 27 0.71 -6.74 9.88
CA ALA A 27 0.30 -7.18 11.21
C ALA A 27 1.39 -7.95 11.94
N ASP A 28 2.54 -8.15 11.31
CA ASP A 28 3.69 -8.81 11.94
C ASP A 28 4.93 -8.60 11.09
N PHE A 29 6.08 -8.25 11.69
CA PHE A 29 7.34 -8.41 10.97
C PHE A 29 8.46 -9.04 11.82
N ARG A 30 8.13 -9.67 12.96
CA ARG A 30 9.15 -10.30 13.80
C ARG A 30 9.89 -11.44 13.10
N SER A 31 9.45 -11.82 11.89
CA SER A 31 10.17 -12.83 11.13
C SER A 31 11.38 -12.23 10.43
N TYR A 32 11.21 -11.01 9.90
CA TYR A 32 12.22 -10.31 9.11
C TYR A 32 13.26 -9.61 9.97
N LEU A 33 12.83 -8.96 11.05
CA LEU A 33 13.73 -8.32 12.00
C LEU A 33 13.50 -8.90 13.39
N SER A 34 14.62 -9.09 14.10
CA SER A 34 14.56 -9.37 15.54
C SER A 34 14.38 -8.08 16.35
N ARG A 35 15.02 -6.99 15.94
CA ARG A 35 14.90 -5.74 16.67
C ARG A 35 14.80 -4.59 15.69
N CYS A 36 14.04 -3.57 16.06
CA CYS A 36 14.06 -2.31 15.32
C CYS A 36 14.61 -1.20 16.19
N ASN A 37 15.68 -0.55 15.71
CA ASN A 37 16.34 0.53 16.42
C ASN A 37 16.53 1.81 15.61
N SER A 38 16.00 1.87 14.39
CA SER A 38 15.91 3.16 13.72
C SER A 38 14.89 3.01 12.61
N ILE A 39 14.27 4.12 12.24
CA ILE A 39 13.23 4.12 11.22
C ILE A 39 13.40 5.33 10.34
N ARG A 40 13.19 5.13 9.02
CA ARG A 40 12.95 6.23 8.09
C ARG A 40 11.52 6.12 7.54
N VAL A 41 10.76 7.19 7.71
CA VAL A 41 9.42 7.28 7.16
C VAL A 41 9.53 8.17 5.93
N GLU A 42 9.46 7.57 4.76
CA GLU A 42 9.56 8.38 3.57
C GLU A 42 8.23 8.94 3.13
N GLY A 43 7.16 8.20 3.38
CA GLY A 43 5.83 8.69 3.09
C GLY A 43 4.92 8.46 4.28
N GLY A 44 3.99 9.38 4.46
CA GLY A 44 2.84 9.16 5.32
C GLY A 44 3.17 9.08 6.79
N THR A 45 2.18 8.61 7.55
CA THR A 45 2.21 8.66 9.00
C THR A 45 1.68 7.34 9.55
N TRP A 46 2.44 6.74 10.44
CA TRP A 46 2.30 5.32 10.78
C TRP A 46 2.03 5.12 12.26
N ALA A 47 0.99 4.36 12.56
CA ALA A 47 0.93 3.69 13.85
C ALA A 47 1.91 2.54 13.83
N VAL A 48 2.79 2.46 14.82
CA VAL A 48 3.74 1.36 14.90
C VAL A 48 3.65 0.71 16.27
N TYR A 49 3.54 -0.63 16.31
CA TYR A 49 3.18 -1.35 17.52
C TYR A 49 4.28 -2.29 18.01
N GLU A 50 4.25 -2.57 19.32
CA GLU A 50 5.35 -3.27 19.97
C GLU A 50 5.34 -4.75 19.61
N ARG A 51 4.20 -5.39 19.80
CA ARG A 51 4.01 -6.79 19.46
C ARG A 51 3.47 -6.89 18.04
N PRO A 52 3.25 -8.10 17.56
CA PRO A 52 2.47 -8.27 16.32
C PRO A 52 0.99 -8.05 16.51
N ASN A 53 0.25 -8.11 15.41
CA ASN A 53 -1.19 -7.83 15.35
C ASN A 53 -1.57 -6.63 16.21
N PHE A 54 -0.83 -5.54 16.00
CA PHE A 54 -1.23 -4.20 16.42
C PHE A 54 -1.47 -4.17 17.93
N SER A 55 -0.54 -4.77 18.66
CA SER A 55 -0.73 -5.05 20.06
C SER A 55 0.43 -4.44 20.83
N GLY A 56 0.18 -4.20 22.09
CA GLY A 56 1.17 -3.54 22.91
C GLY A 56 1.00 -2.04 22.85
N HIS A 57 2.10 -1.35 23.16
CA HIS A 57 2.11 0.09 23.19
C HIS A 57 2.22 0.63 21.78
N TYR A 59 3.26 3.73 19.15
CA TYR A 59 3.98 4.95 18.82
C TYR A 59 3.62 5.36 17.39
N ILE A 60 3.52 6.65 17.10
CA ILE A 60 3.17 7.00 15.74
C ILE A 60 4.19 7.97 15.15
N LEU A 61 4.39 7.86 13.83
CA LEU A 61 5.55 8.41 13.16
C LEU A 61 5.11 9.07 11.86
N PRO A 62 5.44 10.33 11.66
CA PRO A 62 5.26 10.93 10.34
C PRO A 62 6.56 10.89 9.56
N GLN A 63 6.60 11.61 8.45
CA GLN A 63 7.81 11.67 7.62
C GLN A 63 9.00 12.20 8.43
N GLY A 64 10.10 11.46 8.36
CA GLY A 64 11.33 11.89 9.00
C GLY A 64 12.22 10.70 9.27
N GLU A 65 13.42 11.00 9.77
CA GLU A 65 14.48 10.00 9.92
C GLU A 65 14.81 9.82 11.39
N TYR A 66 14.56 8.62 11.92
CA TYR A 66 14.66 8.36 13.36
C TYR A 66 15.80 7.41 13.74
N PRO A 67 17.00 7.93 14.05
CA PRO A 67 18.18 7.04 14.14
C PRO A 67 18.23 6.19 15.41
N GLU A 68 17.43 6.51 16.43
CA GLU A 68 17.49 5.81 17.70
C GLU A 68 16.06 5.59 18.14
N TYR A 69 15.76 4.42 18.71
CA TYR A 69 14.35 4.18 19.02
C TYR A 69 13.81 5.19 20.04
N GLN A 70 14.69 5.78 20.86
CA GLN A 70 14.24 6.76 21.86
C GLN A 70 13.79 8.07 21.23
N ARG A 71 14.18 8.37 19.99
CA ARG A 71 13.68 9.61 19.45
C ARG A 71 12.40 9.41 18.67
N TRP A 72 11.67 8.32 18.96
CA TRP A 72 10.23 8.29 18.77
C TRP A 72 9.50 8.03 20.08
N GLY A 74 10.33 5.73 22.05
CA GLY A 74 10.31 4.30 22.28
C GLY A 74 10.95 3.91 23.62
N LEU A 75 10.79 2.63 23.96
CA LEU A 75 11.40 2.07 25.16
C LEU A 75 12.17 0.78 24.94
N ASN A 76 11.97 0.08 23.83
CA ASN A 76 12.84 -1.00 23.42
C ASN A 76 13.00 -0.94 21.92
N ASP A 77 13.73 -1.90 21.41
CA ASP A 77 13.74 -2.20 19.99
C ASP A 77 12.65 -3.20 19.62
N ARG A 78 11.74 -3.48 20.54
CA ARG A 78 10.62 -4.37 20.28
C ARG A 78 9.54 -3.66 19.46
N LEU A 79 9.42 -4.02 18.20
CA LEU A 79 8.28 -3.64 17.38
C LEU A 79 7.91 -4.85 16.54
N GLY A 80 6.64 -4.95 16.15
CA GLY A 80 6.15 -6.12 15.44
C GLY A 80 5.11 -5.86 14.37
N SER A 81 4.27 -4.83 14.52
CA SER A 81 3.29 -4.49 13.49
C SER A 81 3.29 -2.98 13.25
N CYS A 82 2.76 -2.59 12.09
CA CYS A 82 2.54 -1.18 11.80
C CYS A 82 1.30 -1.01 10.93
N ARG A 83 0.58 0.08 11.19
CA ARG A 83 -0.59 0.53 10.46
C ARG A 83 -0.37 1.96 9.98
N ALA A 84 -0.77 2.23 8.74
CA ALA A 84 -0.74 3.59 8.20
C ALA A 84 -1.95 4.37 8.65
N VAL A 85 -1.72 5.53 9.26
CA VAL A 85 -2.81 6.46 9.55
C VAL A 85 -3.16 7.14 8.23
N HIS A 86 -4.26 6.69 7.63
CA HIS A 86 -4.76 7.29 6.40
C HIS A 86 -5.52 8.57 6.75
N LEU A 87 -5.51 9.50 5.81
CA LEU A 87 -5.64 10.90 6.11
C LEU A 87 -7.08 11.22 6.54
N SER A 88 -7.39 12.52 6.65
CA SER A 88 -8.65 12.96 7.22
C SER A 88 -9.83 12.45 6.40
N SER A 89 -10.95 12.18 7.09
CA SER A 89 -12.20 11.91 6.41
C SER A 89 -12.51 13.07 5.47
N GLY A 90 -12.71 12.74 4.19
CA GLY A 90 -12.99 13.78 3.20
C GLY A 90 -14.19 14.64 3.58
N GLY A 91 -15.09 14.09 4.39
CA GLY A 91 -16.27 14.81 4.83
C GLY A 91 -16.11 15.98 5.78
N GLN A 92 -15.41 17.01 5.30
CA GLN A 92 -15.09 18.24 6.02
C GLN A 92 -15.47 19.52 5.29
N ALA A 93 -15.75 19.47 3.98
CA ALA A 93 -16.01 20.66 3.16
C ALA A 93 -17.39 21.25 3.40
N LYS A 94 -17.51 22.59 3.25
CA LYS A 94 -18.83 23.22 3.29
C LYS A 94 -18.78 24.63 2.70
N ILE A 95 -19.92 25.08 2.17
CA ILE A 95 -20.01 26.28 1.34
C ILE A 95 -21.35 26.98 1.60
N GLN A 96 -21.35 28.33 1.60
CA GLN A 96 -22.57 29.14 1.74
C GLN A 96 -22.75 30.03 0.52
N VAL A 97 -23.95 30.04 -0.03
CA VAL A 97 -24.22 30.85 -1.22
C VAL A 97 -25.36 31.82 -0.94
N PHE A 98 -25.33 32.96 -1.64
CA PHE A 98 -26.31 34.00 -1.45
C PHE A 98 -26.94 34.42 -2.77
N GLU A 99 -28.21 34.85 -2.64
CA GLU A 99 -29.04 35.42 -3.68
C GLU A 99 -28.50 36.79 -4.09
N LYS A 100 -28.64 37.79 -3.23
CA LYS A 100 -28.02 39.05 -3.62
C LYS A 100 -26.53 38.95 -3.30
N GLY A 101 -25.78 40.03 -3.64
CA GLY A 101 -24.35 40.05 -3.44
C GLY A 101 -23.96 40.59 -2.09
N ASP A 102 -22.68 40.46 -1.79
CA ASP A 102 -22.14 40.81 -0.48
C ASP A 102 -22.99 40.20 0.63
N PHE A 103 -23.28 38.91 0.46
CA PHE A 103 -23.87 38.09 1.51
C PHE A 103 -25.23 38.63 1.94
N ASN A 104 -26.07 38.90 0.93
CA ASN A 104 -27.42 39.37 1.14
C ASN A 104 -28.43 38.37 0.58
N GLY A 105 -29.66 38.58 0.96
CA GLY A 105 -30.73 37.77 0.46
C GLY A 105 -30.78 36.47 1.20
N GLN A 106 -31.65 35.60 0.69
CA GLN A 106 -31.69 34.22 1.16
CA GLN A 106 -31.69 34.22 1.17
C GLN A 106 -30.32 33.59 1.01
N TYR A 108 -28.09 29.84 1.61
CA TYR A 108 -28.27 28.38 1.75
C TYR A 108 -26.92 27.69 1.94
N GLU A 109 -26.86 26.78 2.91
CA GLU A 109 -25.67 26.06 3.36
C GLU A 109 -25.74 24.58 3.00
N THR A 110 -24.63 24.03 2.49
CA THR A 110 -24.65 22.65 2.03
C THR A 110 -23.25 22.05 2.07
N THR A 111 -23.16 20.82 2.58
CA THR A 111 -21.92 20.06 2.55
C THR A 111 -21.83 19.10 1.38
N GLU A 112 -22.83 19.06 0.49
CA GLU A 112 -22.88 18.15 -0.63
C GLU A 112 -22.99 18.93 -1.96
N ASP A 113 -23.11 18.20 -3.06
CA ASP A 113 -23.06 18.80 -4.38
C ASP A 113 -24.44 19.29 -4.81
N CYS A 114 -24.45 20.02 -5.91
CA CYS A 114 -25.72 20.58 -6.30
C CYS A 114 -25.90 20.51 -7.81
N PRO A 115 -26.78 19.65 -8.28
CA PRO A 115 -27.00 19.50 -9.72
C PRO A 115 -27.71 20.72 -10.33
N SER A 116 -28.85 21.13 -9.78
CA SER A 116 -29.57 22.30 -10.28
C SER A 116 -29.90 23.17 -9.08
N ILE A 117 -29.21 24.32 -8.94
CA ILE A 117 -29.53 25.16 -7.79
C ILE A 117 -30.89 25.80 -7.99
N GLU A 119 -33.35 23.91 -8.86
CA GLU A 119 -34.31 22.93 -8.36
C GLU A 119 -34.20 22.76 -6.85
N GLN A 120 -32.98 22.55 -6.33
CA GLN A 120 -32.83 22.32 -4.89
C GLN A 120 -32.91 23.62 -4.09
N PHE A 121 -32.68 24.76 -4.73
CA PHE A 121 -32.67 26.03 -4.00
C PHE A 121 -33.61 27.10 -4.56
N HIS A 122 -34.13 26.95 -5.78
CA HIS A 122 -35.00 27.95 -6.42
C HIS A 122 -34.38 29.35 -6.44
N LEU A 123 -33.08 29.40 -6.77
CA LEU A 123 -32.36 30.65 -7.03
C LEU A 123 -31.88 30.64 -8.46
N ARG A 124 -32.03 31.79 -9.14
CA ARG A 124 -31.60 31.89 -10.52
C ARG A 124 -30.10 32.16 -10.65
N GLU A 125 -29.60 33.17 -9.94
CA GLU A 125 -28.17 33.50 -9.95
C GLU A 125 -27.58 33.25 -8.57
N ILE A 126 -26.26 33.42 -8.47
CA ILE A 126 -25.58 33.48 -7.17
C ILE A 126 -24.61 34.64 -7.22
N HIS A 127 -24.75 35.58 -6.28
CA HIS A 127 -23.97 36.81 -6.33
C HIS A 127 -22.90 36.93 -5.27
N SER A 128 -22.84 36.01 -4.32
CA SER A 128 -21.77 36.03 -3.34
C SER A 128 -21.74 34.65 -2.69
N CYS A 129 -20.63 34.35 -2.02
CA CYS A 129 -20.46 33.01 -1.48
C CYS A 129 -19.30 32.98 -0.49
N LYS A 130 -19.51 32.31 0.64
CA LYS A 130 -18.41 31.94 1.54
C LYS A 130 -18.13 30.44 1.46
N VAL A 131 -16.86 30.07 1.24
CA VAL A 131 -16.39 28.70 1.43
C VAL A 131 -15.91 28.54 2.87
N VAL A 132 -16.47 27.58 3.61
CA VAL A 132 -16.00 27.45 4.98
C VAL A 132 -14.99 26.31 5.09
N GLU A 133 -15.10 25.32 4.22
CA GLU A 133 -14.11 24.26 4.15
C GLU A 133 -14.20 23.62 2.78
N GLY A 134 -13.06 23.11 2.30
CA GLY A 134 -13.05 22.37 1.07
C GLY A 134 -12.63 23.22 -0.10
N THR A 135 -12.87 22.68 -1.31
CA THR A 135 -12.71 23.46 -2.54
C THR A 135 -13.77 23.07 -3.56
N TRP A 136 -14.19 24.05 -4.35
CA TRP A 136 -15.41 23.87 -5.13
C TRP A 136 -15.25 24.41 -6.54
N ILE A 137 -15.94 23.76 -7.46
CA ILE A 137 -16.06 24.22 -8.84
C ILE A 137 -17.46 24.77 -9.00
N PHE A 138 -17.57 25.94 -9.62
CA PHE A 138 -18.85 26.53 -10.00
C PHE A 138 -19.08 26.28 -11.48
N TYR A 139 -20.28 25.84 -11.81
CA TYR A 139 -20.71 25.64 -13.18
C TYR A 139 -21.80 26.63 -13.58
N GLU A 140 -21.63 27.20 -14.77
CA GLU A 140 -22.62 28.14 -15.29
C GLU A 140 -23.91 27.43 -15.67
N LEU A 141 -23.83 26.15 -16.06
CA LEU A 141 -25.02 25.40 -16.45
C LEU A 141 -25.34 24.30 -15.45
N PRO A 142 -26.59 23.81 -15.43
CA PRO A 142 -26.88 22.59 -14.65
C PRO A 142 -26.00 21.43 -15.10
N ASN A 143 -25.99 20.38 -14.28
CA ASN A 143 -25.34 19.11 -14.62
C ASN A 143 -23.86 19.30 -14.92
N TYR A 144 -23.24 20.31 -14.31
CA TYR A 144 -21.79 20.47 -14.30
C TYR A 144 -21.19 20.76 -15.67
N ARG A 145 -21.98 21.32 -16.59
N ARG A 145 -21.99 21.32 -16.58
CA ARG A 145 -21.50 21.77 -17.88
CA ARG A 145 -21.52 21.79 -17.87
C ARG A 145 -21.33 23.29 -17.87
C ARG A 145 -21.24 23.29 -17.82
N GLY A 146 -20.62 23.79 -18.89
CA GLY A 146 -20.46 25.23 -19.05
C GLY A 146 -19.22 25.81 -18.41
N ARG A 147 -19.17 27.15 -18.38
CA ARG A 147 -17.97 27.83 -17.88
CA ARG A 147 -18.00 27.85 -17.87
C ARG A 147 -17.69 27.38 -16.46
N GLN A 148 -16.40 27.25 -16.16
CA GLN A 148 -16.02 26.73 -14.84
C GLN A 148 -15.28 27.79 -14.06
N TYR A 149 -15.53 27.80 -12.75
CA TYR A 149 -14.86 28.69 -11.83
C TYR A 149 -14.45 27.90 -10.58
N LEU A 150 -13.36 28.33 -10.00
CA LEU A 150 -12.73 27.60 -8.92
C LEU A 150 -12.76 28.47 -7.68
N LEU A 151 -13.37 27.96 -6.63
CA LEU A 151 -13.47 28.63 -5.34
C LEU A 151 -12.47 27.96 -4.41
N ASP A 152 -11.23 28.45 -4.44
CA ASP A 152 -10.13 27.94 -3.61
C ASP A 152 -9.79 28.90 -2.48
N LYS A 153 -10.69 29.80 -2.13
CA LYS A 153 -10.44 30.82 -1.11
C LYS A 153 -11.44 30.66 0.03
N LYS A 154 -11.79 31.76 0.68
CA LYS A 154 -12.77 31.71 1.75
C LYS A 154 -14.07 32.41 1.36
N GLU A 155 -14.04 33.71 1.08
CA GLU A 155 -15.28 34.40 0.74
C GLU A 155 -15.11 35.23 -0.52
N TYR A 156 -16.26 35.54 -1.12
CA TYR A 156 -16.39 36.15 -2.43
C TYR A 156 -17.66 36.98 -2.44
N ARG A 157 -17.55 38.26 -2.84
CA ARG A 157 -18.61 39.22 -2.59
C ARG A 157 -19.44 39.58 -3.82
N LYS A 158 -18.91 39.35 -5.02
CA LYS A 158 -19.66 39.40 -6.28
C LYS A 158 -18.99 38.44 -7.23
N PRO A 159 -19.71 37.97 -8.26
CA PRO A 159 -19.17 36.90 -9.13
C PRO A 159 -17.76 37.08 -9.71
N VAL A 160 -17.26 38.32 -9.92
CA VAL A 160 -15.94 38.45 -10.56
C VAL A 160 -14.82 38.00 -9.64
N ASP A 161 -15.08 37.99 -8.31
CA ASP A 161 -14.13 37.46 -7.35
C ASP A 161 -13.83 35.98 -7.56
N TRP A 162 -14.70 35.26 -8.26
CA TRP A 162 -14.37 33.96 -8.79
C TRP A 162 -14.27 34.02 -10.30
N GLY A 163 -13.96 35.22 -10.81
CA GLY A 163 -13.58 35.36 -12.20
C GLY A 163 -14.70 35.19 -13.19
N ALA A 164 -15.93 35.49 -12.79
CA ALA A 164 -17.08 35.41 -13.68
C ALA A 164 -17.45 36.78 -14.22
N ALA A 165 -17.78 36.86 -15.50
CA ALA A 165 -18.33 38.09 -16.05
C ALA A 165 -19.84 38.17 -15.90
N SER A 166 -20.45 37.24 -15.17
CA SER A 166 -21.89 37.19 -15.01
C SER A 166 -22.22 36.33 -13.79
N PRO A 167 -23.39 36.55 -13.18
CA PRO A 167 -23.82 35.73 -12.04
C PRO A 167 -24.42 34.40 -12.44
N ALA A 168 -24.51 34.12 -13.76
CA ALA A 168 -25.03 32.87 -14.27
C ALA A 168 -24.17 31.70 -13.78
N ILE A 169 -24.52 31.14 -12.63
CA ILE A 169 -23.99 29.87 -12.23
C ILE A 169 -25.16 29.05 -11.73
N GLN A 170 -25.17 27.76 -12.07
CA GLN A 170 -26.34 26.93 -11.88
C GLN A 170 -26.06 25.57 -11.26
N SER A 171 -24.79 25.17 -11.10
CA SER A 171 -24.46 23.99 -10.30
C SER A 171 -23.08 24.17 -9.72
N PHE A 172 -22.79 23.42 -8.66
CA PHE A 172 -21.49 23.49 -7.99
C PHE A 172 -21.17 22.14 -7.36
N ARG A 173 -19.87 21.88 -7.17
CA ARG A 173 -19.36 20.55 -6.82
C ARG A 173 -18.05 20.62 -6.02
N ARG A 174 -17.88 19.74 -5.04
CA ARG A 174 -16.68 19.67 -4.23
C ARG A 174 -15.62 18.74 -4.86
N ILE A 175 -14.35 19.11 -4.66
CA ILE A 175 -13.18 18.31 -5.01
C ILE A 175 -12.66 17.63 -3.76
N VAL A 176 -12.03 16.46 -3.95
CA VAL A 176 -11.52 15.69 -2.82
C VAL A 176 -10.14 15.18 -3.17
N GLU A 177 -9.38 14.87 -2.13
CA GLU A 177 -8.02 14.33 -2.22
C GLU A 177 -7.96 12.89 -1.69
N SER B 1 -0.05 19.12 0.03
CA SER B 1 0.10 20.46 -0.55
C SER B 1 1.40 20.55 -1.31
N LYS B 2 2.29 19.56 -1.09
CA LYS B 2 3.58 19.51 -1.78
C LYS B 2 4.11 18.07 -1.88
N THR B 3 3.62 17.32 -2.87
CA THR B 3 4.14 15.99 -3.20
C THR B 3 4.23 15.91 -4.73
N GLY B 4 4.45 14.72 -5.27
CA GLY B 4 4.54 14.58 -6.71
C GLY B 4 3.25 14.99 -7.41
N GLY B 5 3.38 15.59 -8.59
CA GLY B 5 2.24 16.01 -9.36
C GLY B 5 2.69 16.49 -10.73
N LYS B 6 2.05 16.02 -11.80
CA LYS B 6 2.58 16.35 -13.12
C LYS B 6 1.48 16.34 -14.16
N ILE B 7 1.59 17.28 -15.11
CA ILE B 7 0.64 17.45 -16.21
C ILE B 7 1.44 17.54 -17.50
N SER B 8 0.89 17.01 -18.58
CA SER B 8 1.56 17.02 -19.88
C SER B 8 0.58 17.42 -20.97
N PHE B 9 1.02 18.33 -21.80
CA PHE B 9 0.19 18.80 -22.87
C PHE B 9 0.82 18.37 -24.17
N TYR B 10 -0.01 17.91 -25.09
CA TYR B 10 0.45 17.47 -26.39
C TYR B 10 -0.14 18.36 -27.46
N GLU B 11 0.68 18.69 -28.46
CA GLU B 11 0.20 19.45 -29.59
C GLU B 11 -0.95 18.73 -30.30
N ASP B 12 -0.89 17.40 -30.38
CA ASP B 12 -1.84 16.68 -31.20
C ASP B 12 -2.64 15.66 -30.39
N ARG B 13 -3.65 15.09 -31.01
CA ARG B 13 -4.52 14.29 -30.18
C ARG B 13 -3.89 12.93 -29.97
N ASN B 14 -4.42 12.19 -29.01
CA ASN B 14 -3.91 10.87 -28.67
C ASN B 14 -2.47 10.92 -28.20
N PHE B 15 -2.05 12.03 -27.59
CA PHE B 15 -0.75 12.13 -26.93
C PHE B 15 0.36 12.12 -27.96
N LEU B 16 0.34 13.07 -28.87
CA LEU B 16 1.32 13.08 -29.93
C LEU B 16 1.77 14.49 -30.21
N GLY B 17 2.90 14.58 -30.89
CA GLY B 17 3.49 15.86 -31.20
C GLY B 17 4.26 16.43 -30.03
N ARG B 18 4.83 17.61 -30.27
CA ARG B 18 5.56 18.32 -29.24
CA ARG B 18 5.54 18.36 -29.23
C ARG B 18 4.82 18.23 -27.90
N ARG B 19 5.59 18.05 -26.81
CA ARG B 19 5.00 17.84 -25.50
C ARG B 19 5.59 18.79 -24.48
N TYR B 20 4.75 19.28 -23.57
CA TYR B 20 5.18 20.23 -22.55
C TYR B 20 4.74 19.77 -21.16
N ASP B 21 5.70 19.68 -20.22
CA ASP B 21 5.42 19.19 -18.87
C ASP B 21 5.41 20.32 -17.87
N CYS B 22 4.39 20.34 -17.05
CA CYS B 22 4.20 21.29 -15.95
C CYS B 22 4.23 20.39 -14.70
N ASP B 23 5.19 20.63 -13.82
CA ASP B 23 5.13 19.98 -12.52
C ASP B 23 4.78 20.96 -11.40
N CYS B 24 4.79 22.25 -11.66
CA CYS B 24 4.17 23.24 -10.78
C CYS B 24 3.49 24.29 -11.66
N ASP B 25 3.19 25.47 -11.12
CA ASP B 25 2.36 26.44 -11.84
C ASP B 25 3.14 27.11 -12.97
N CYS B 26 2.57 27.11 -14.18
CA CYS B 26 3.16 27.82 -15.33
C CYS B 26 2.15 28.77 -15.91
N ALA B 27 2.56 30.03 -16.04
CA ALA B 27 1.71 31.16 -16.41
C ALA B 27 1.75 31.48 -17.89
N ASP B 28 2.68 30.86 -18.63
CA ASP B 28 2.69 30.96 -20.09
C ASP B 28 3.59 29.94 -20.78
N PHE B 29 2.99 28.92 -21.39
CA PHE B 29 3.74 28.00 -22.25
C PHE B 29 3.42 28.13 -23.73
N ARG B 30 2.87 29.28 -24.17
CA ARG B 30 2.56 29.46 -25.59
C ARG B 30 3.79 29.43 -26.46
N SER B 31 4.98 29.58 -25.88
CA SER B 31 6.19 29.54 -26.68
C SER B 31 6.74 28.14 -26.83
N TYR B 32 6.20 27.18 -26.09
CA TYR B 32 6.58 25.79 -26.31
C TYR B 32 5.55 25.07 -27.17
N LEU B 33 4.26 25.30 -26.94
CA LEU B 33 3.20 24.63 -27.71
C LEU B 33 2.37 25.65 -28.43
N SER B 34 2.10 25.39 -29.70
CA SER B 34 1.20 26.29 -30.42
C SER B 34 -0.26 25.94 -30.14
N ARG B 35 -0.52 24.74 -29.62
CA ARG B 35 -1.83 24.12 -29.46
C ARG B 35 -1.74 23.03 -28.38
N CYS B 36 -2.89 22.48 -28.06
CA CYS B 36 -2.94 21.32 -27.17
C CYS B 36 -4.23 20.56 -27.45
N ASN B 37 -4.10 19.33 -27.95
CA ASN B 37 -5.23 18.46 -28.24
C ASN B 37 -5.30 17.23 -27.35
N SER B 38 -4.44 17.10 -26.36
CA SER B 38 -4.48 15.91 -25.52
C SER B 38 -3.61 16.18 -24.31
N ILE B 39 -4.11 15.77 -23.14
CA ILE B 39 -3.40 15.99 -21.90
C ILE B 39 -3.26 14.69 -21.15
N ARG B 40 -2.16 14.56 -20.40
CA ARG B 40 -2.00 13.53 -19.40
C ARG B 40 -1.72 14.17 -18.07
N VAL B 41 -2.46 13.74 -17.04
CA VAL B 41 -2.27 14.24 -15.67
C VAL B 41 -1.87 13.04 -14.83
N GLU B 42 -0.58 12.92 -14.53
CA GLU B 42 -0.15 11.79 -13.70
C GLU B 42 -0.44 12.06 -12.25
N GLY B 43 -0.35 13.30 -11.83
CA GLY B 43 -0.52 13.57 -10.42
C GLY B 43 -1.22 14.88 -10.15
N GLY B 44 -2.09 14.87 -9.14
CA GLY B 44 -2.71 16.09 -8.70
C GLY B 44 -3.89 16.46 -9.55
N THR B 45 -4.50 17.57 -9.19
CA THR B 45 -5.58 18.17 -9.94
C THR B 45 -5.10 19.50 -10.49
N TRP B 46 -5.47 19.80 -11.72
CA TRP B 46 -4.99 21.00 -12.37
C TRP B 46 -6.12 21.88 -12.86
N ALA B 47 -5.84 23.17 -12.87
CA ALA B 47 -6.60 24.15 -13.63
C ALA B 47 -5.74 24.58 -14.81
N VAL B 48 -6.29 24.43 -15.99
CA VAL B 48 -5.65 24.95 -17.20
C VAL B 48 -6.51 26.10 -17.71
N TYR B 49 -5.88 27.02 -18.46
CA TYR B 49 -6.59 28.17 -19.04
C TYR B 49 -6.27 28.37 -20.51
N GLU B 50 -7.26 28.92 -21.22
CA GLU B 50 -7.13 29.23 -22.64
C GLU B 50 -6.01 30.25 -22.87
N ARG B 51 -6.01 31.34 -22.10
N ARG B 51 -5.98 31.32 -22.08
CA ARG B 51 -5.07 32.45 -22.21
CA ARG B 51 -5.03 32.39 -22.28
C ARG B 51 -3.97 32.32 -21.16
C ARG B 51 -4.04 32.49 -21.11
N PRO B 52 -2.82 33.00 -21.36
CA PRO B 52 -1.78 32.97 -20.31
C PRO B 52 -2.12 33.82 -19.10
N ASN B 53 -1.21 33.83 -18.14
CA ASN B 53 -1.47 34.42 -16.82
C ASN B 53 -2.89 34.14 -16.37
N PHE B 54 -3.21 32.85 -16.37
CA PHE B 54 -4.39 32.27 -15.71
C PHE B 54 -5.65 33.05 -16.00
N SER B 55 -6.01 33.12 -17.28
CA SER B 55 -7.16 33.92 -17.69
C SER B 55 -7.91 33.19 -18.79
N GLY B 56 -9.16 33.59 -18.95
CA GLY B 56 -10.00 33.02 -19.97
C GLY B 56 -10.87 31.89 -19.43
N HIS B 57 -11.36 31.08 -20.37
CA HIS B 57 -12.06 29.85 -20.00
C HIS B 57 -11.09 28.93 -19.30
N TYR B 59 -10.49 25.08 -17.32
CA TYR B 59 -10.91 23.73 -17.06
C TYR B 59 -10.09 23.08 -15.94
N ILE B 60 -10.77 22.26 -15.13
CA ILE B 60 -10.17 21.40 -14.11
C ILE B 60 -9.99 20.00 -14.65
N LEU B 61 -8.76 19.54 -14.62
CA LEU B 61 -8.42 18.16 -15.02
C LEU B 61 -7.84 17.40 -13.82
N PRO B 62 -8.57 16.41 -13.27
CA PRO B 62 -7.94 15.49 -12.33
C PRO B 62 -6.96 14.53 -13.00
N GLN B 63 -6.30 13.68 -12.20
CA GLN B 63 -5.59 12.54 -12.79
C GLN B 63 -6.45 11.83 -13.82
N GLY B 64 -5.82 11.44 -14.89
CA GLY B 64 -6.51 10.90 -16.04
C GLY B 64 -5.71 11.18 -17.30
N GLU B 65 -6.26 10.70 -18.40
CA GLU B 65 -5.63 10.81 -19.69
C GLU B 65 -6.73 11.24 -20.66
N TYR B 66 -6.52 12.36 -21.35
CA TYR B 66 -7.58 13.00 -22.13
C TYR B 66 -7.10 13.16 -23.57
N PRO B 67 -7.56 12.29 -24.48
CA PRO B 67 -6.93 12.21 -25.82
C PRO B 67 -7.36 13.31 -26.77
N GLU B 68 -8.47 13.99 -26.50
CA GLU B 68 -8.87 15.14 -27.27
C GLU B 68 -9.37 16.15 -26.28
N TYR B 69 -9.49 17.41 -26.69
CA TYR B 69 -9.89 18.43 -25.73
C TYR B 69 -11.36 18.32 -25.36
N GLN B 70 -12.19 17.71 -26.21
CA GLN B 70 -13.59 17.49 -25.85
C GLN B 70 -13.73 16.57 -24.63
N ARG B 71 -12.66 15.83 -24.25
CA ARG B 71 -12.68 15.03 -23.02
C ARG B 71 -12.46 15.85 -21.75
N TRP B 72 -11.82 17.01 -21.82
CA TRP B 72 -11.88 17.96 -20.72
C TRP B 72 -12.90 19.07 -20.96
N GLY B 74 -13.26 20.78 -23.18
CA GLY B 74 -12.62 21.90 -23.83
C GLY B 74 -13.51 22.50 -24.90
N LEU B 75 -13.42 23.82 -25.04
CA LEU B 75 -14.04 24.44 -26.20
C LEU B 75 -13.18 24.31 -27.45
N ASN B 76 -11.91 24.75 -27.40
CA ASN B 76 -11.03 24.53 -28.55
C ASN B 76 -9.66 24.05 -28.08
N ASP B 77 -8.61 24.36 -28.88
CA ASP B 77 -7.25 23.88 -28.66
C ASP B 77 -6.32 24.91 -28.09
N ARG B 78 -6.80 26.10 -27.77
CA ARG B 78 -5.92 27.10 -27.17
C ARG B 78 -5.91 26.94 -25.66
N LEU B 79 -4.73 26.65 -25.12
CA LEU B 79 -4.47 26.72 -23.69
C LEU B 79 -3.16 27.47 -23.48
N GLY B 80 -2.98 28.06 -22.30
CA GLY B 80 -1.76 28.87 -22.13
C GLY B 80 -1.15 28.94 -20.75
N SER B 81 -1.93 28.66 -19.71
CA SER B 81 -1.36 28.64 -18.37
C SER B 81 -1.90 27.42 -17.66
N CYS B 82 -1.21 27.03 -16.58
CA CYS B 82 -1.58 25.85 -15.78
C CYS B 82 -1.21 26.19 -14.36
N ARG B 83 -2.12 25.82 -13.46
CA ARG B 83 -2.05 26.06 -12.04
C ARG B 83 -2.50 24.77 -11.40
N ALA B 84 -1.77 24.33 -10.38
CA ALA B 84 -2.11 23.12 -9.64
C ALA B 84 -2.94 23.50 -8.42
N VAL B 85 -4.04 22.78 -8.19
CA VAL B 85 -4.91 23.08 -7.08
C VAL B 85 -4.30 22.50 -5.81
N HIS B 86 -4.25 23.32 -4.75
CA HIS B 86 -3.97 22.85 -3.42
C HIS B 86 -5.29 22.53 -2.72
N LEU B 87 -5.37 21.35 -2.10
CA LEU B 87 -6.60 20.92 -1.44
C LEU B 87 -6.22 20.61 -0.01
N SER B 88 -6.17 21.66 0.82
CA SER B 88 -5.69 21.58 2.19
C SER B 88 -6.25 20.38 2.95
N SER B 89 -5.37 19.40 3.24
CA SER B 89 -5.71 18.28 4.10
C SER B 89 -5.69 18.69 5.56
N GLY B 90 -4.91 19.69 5.90
CA GLY B 90 -4.96 20.30 7.21
C GLY B 90 -6.13 21.27 7.34
N GLY B 91 -7.33 20.77 7.05
CA GLY B 91 -8.53 21.54 7.29
C GLY B 91 -8.78 21.65 8.78
N GLN B 92 -10.01 22.09 9.11
CA GLN B 92 -10.41 22.14 10.50
C GLN B 92 -10.18 20.79 11.16
N ALA B 93 -9.94 20.83 12.47
CA ALA B 93 -9.92 19.61 13.26
C ALA B 93 -10.22 20.03 14.69
N LYS B 94 -11.47 19.84 15.11
CA LYS B 94 -11.92 20.23 16.44
C LYS B 94 -11.92 19.01 17.34
N ILE B 95 -11.75 19.25 18.63
CA ILE B 95 -11.91 18.18 19.61
C ILE B 95 -12.49 18.79 20.87
N GLN B 96 -13.41 18.08 21.47
CA GLN B 96 -13.98 18.46 22.76
C GLN B 96 -13.51 17.47 23.81
N VAL B 97 -13.39 17.97 25.02
CA VAL B 97 -12.78 17.17 26.06
C VAL B 97 -13.44 17.56 27.36
N PHE B 98 -13.77 16.57 28.18
CA PHE B 98 -14.50 16.83 29.40
C PHE B 98 -13.71 16.32 30.60
N GLU B 99 -14.01 16.90 31.77
CA GLU B 99 -13.35 16.46 32.99
C GLU B 99 -14.10 15.33 33.68
N LYS B 100 -15.41 15.22 33.46
CA LYS B 100 -16.16 14.07 33.95
C LYS B 100 -16.41 13.09 32.81
N GLY B 101 -16.93 11.92 33.17
CA GLY B 101 -17.26 10.92 32.18
C GLY B 101 -18.61 11.16 31.56
N ASP B 102 -18.78 10.64 30.35
CA ASP B 102 -20.05 10.76 29.62
C ASP B 102 -20.42 12.22 29.41
N PHE B 103 -19.40 13.07 29.23
CA PHE B 103 -19.53 14.47 28.77
C PHE B 103 -20.09 15.39 29.85
N ASN B 104 -19.88 15.05 31.11
CA ASN B 104 -20.29 15.92 32.21
C ASN B 104 -19.12 16.80 32.63
N GLY B 105 -19.42 17.74 33.53
CA GLY B 105 -18.40 18.62 34.09
C GLY B 105 -17.81 19.63 33.10
N GLN B 106 -16.73 20.27 33.56
CA GLN B 106 -16.03 21.26 32.73
C GLN B 106 -15.68 20.65 31.38
N TYR B 108 -13.82 21.77 27.18
CA TYR B 108 -13.19 22.73 26.24
C TYR B 108 -13.29 22.23 24.81
N GLU B 109 -13.26 23.19 23.88
CA GLU B 109 -13.19 22.91 22.45
C GLU B 109 -11.94 23.58 21.91
N THR B 110 -11.07 22.80 21.23
CA THR B 110 -9.83 23.34 20.70
C THR B 110 -9.66 22.98 19.24
N THR B 111 -8.84 23.78 18.56
CA THR B 111 -8.46 23.55 17.18
C THR B 111 -6.98 23.19 17.07
N GLU B 112 -6.25 23.26 18.19
CA GLU B 112 -4.80 23.32 18.20
C GLU B 112 -4.23 22.38 19.27
N ASP B 113 -2.94 22.07 19.14
CA ASP B 113 -2.21 21.16 20.00
C ASP B 113 -1.88 21.79 21.35
N CYS B 114 -1.58 20.94 22.32
CA CYS B 114 -1.61 21.29 23.74
C CYS B 114 -0.61 20.48 24.53
N PRO B 115 0.56 21.05 24.85
CA PRO B 115 1.57 20.30 25.62
C PRO B 115 1.21 20.02 27.08
N SER B 116 0.14 20.59 27.63
CA SER B 116 -0.15 20.39 29.05
C SER B 116 -1.60 20.77 29.30
N ILE B 117 -2.43 19.77 29.55
CA ILE B 117 -3.84 20.04 29.83
C ILE B 117 -3.99 20.98 31.03
N GLU B 119 -1.90 23.00 32.23
CA GLU B 119 -1.52 24.39 31.98
C GLU B 119 -2.69 25.10 31.28
N GLN B 120 -3.03 24.71 30.05
CA GLN B 120 -3.93 25.56 29.26
C GLN B 120 -5.38 25.52 29.77
N PHE B 121 -5.83 24.38 30.27
CA PHE B 121 -7.15 24.24 30.88
C PHE B 121 -6.93 23.86 32.34
N HIS B 122 -8.00 23.69 33.07
CA HIS B 122 -7.84 23.39 34.48
C HIS B 122 -8.54 22.04 34.78
N LEU B 123 -8.04 20.98 34.10
CA LEU B 123 -8.42 19.59 34.28
C LEU B 123 -7.16 18.76 34.53
N ARG B 124 -7.19 17.90 35.54
CA ARG B 124 -6.07 16.99 35.80
C ARG B 124 -6.28 15.67 35.04
N GLU B 125 -7.44 15.03 35.22
CA GLU B 125 -7.92 13.90 34.43
C GLU B 125 -8.48 14.39 33.10
N ILE B 126 -8.62 13.48 32.12
CA ILE B 126 -9.65 13.61 31.09
C ILE B 126 -10.48 12.33 30.95
N HIS B 127 -11.81 12.42 31.19
CA HIS B 127 -12.66 11.24 31.29
C HIS B 127 -13.62 11.00 30.12
N SER B 128 -13.95 12.02 29.34
CA SER B 128 -14.77 11.82 28.17
C SER B 128 -14.28 12.80 27.13
N CYS B 129 -14.62 12.56 25.86
CA CYS B 129 -14.20 13.49 24.83
C CYS B 129 -15.02 13.23 23.59
N LYS B 130 -15.24 14.31 22.83
CA LYS B 130 -15.83 14.25 21.50
C LYS B 130 -14.76 14.69 20.49
N VAL B 131 -14.60 13.90 19.42
CA VAL B 131 -13.83 14.30 18.26
C VAL B 131 -14.82 14.76 17.19
N VAL B 132 -14.70 16.01 16.77
CA VAL B 132 -15.66 16.61 15.85
C VAL B 132 -15.18 16.54 14.42
N GLU B 133 -13.97 17.03 14.16
CA GLU B 133 -13.32 16.84 12.86
C GLU B 133 -11.88 16.39 13.08
N GLY B 134 -11.44 15.40 12.32
CA GLY B 134 -10.05 14.99 12.31
C GLY B 134 -9.78 13.80 13.20
N THR B 135 -8.47 13.57 13.45
CA THR B 135 -8.03 12.49 14.30
C THR B 135 -6.83 12.95 15.15
N TRP B 136 -6.82 12.57 16.43
CA TRP B 136 -5.93 13.15 17.43
C TRP B 136 -5.14 12.06 18.17
N ILE B 137 -4.12 12.49 18.92
CA ILE B 137 -3.31 11.62 19.79
C ILE B 137 -3.39 12.10 21.24
N PHE B 138 -3.72 11.20 22.16
CA PHE B 138 -3.70 11.45 23.59
C PHE B 138 -2.39 10.92 24.20
N TYR B 139 -1.82 11.67 25.13
CA TYR B 139 -0.55 11.31 25.77
C TYR B 139 -0.72 11.20 27.27
N GLU B 140 -0.07 10.18 27.83
CA GLU B 140 -0.04 9.99 29.29
C GLU B 140 0.46 11.25 29.98
N LEU B 141 1.67 11.68 29.65
CA LEU B 141 2.37 12.71 30.40
C LEU B 141 2.44 14.02 29.63
N PRO B 142 2.65 15.15 30.29
CA PRO B 142 2.66 16.43 29.58
C PRO B 142 3.75 16.46 28.52
N ASN B 143 3.55 17.36 27.55
CA ASN B 143 4.53 17.68 26.53
C ASN B 143 4.76 16.51 25.58
N TYR B 144 3.68 15.83 25.20
CA TYR B 144 3.70 14.80 24.19
C TYR B 144 4.67 13.68 24.56
N ARG B 145 4.51 13.17 25.79
CA ARG B 145 5.27 12.04 26.29
CA ARG B 145 5.27 12.04 26.27
C ARG B 145 4.31 11.02 26.87
N GLY B 146 4.87 9.88 27.29
CA GLY B 146 4.07 8.84 27.87
C GLY B 146 3.40 8.03 26.79
N ARG B 147 2.45 7.19 27.21
CA ARG B 147 1.79 6.30 26.29
C ARG B 147 0.87 7.09 25.36
N GLN B 148 0.85 6.70 24.09
CA GLN B 148 0.03 7.39 23.11
C GLN B 148 -1.19 6.56 22.83
N TYR B 149 -2.32 7.24 22.67
CA TYR B 149 -3.53 6.63 22.16
C TYR B 149 -3.98 7.44 20.95
N LEU B 150 -4.62 6.76 20.01
CA LEU B 150 -5.01 7.33 18.74
C LEU B 150 -6.55 7.43 18.67
N LEU B 151 -7.06 8.58 18.24
CA LEU B 151 -8.48 8.93 18.36
C LEU B 151 -9.04 9.44 17.04
N ASP B 152 -9.79 8.59 16.32
CA ASP B 152 -10.40 8.99 15.05
C ASP B 152 -11.72 9.71 15.31
N LYS B 153 -12.41 10.11 14.24
CA LYS B 153 -13.66 10.88 14.36
C LYS B 153 -14.73 9.97 14.98
N LYS B 154 -14.69 9.88 16.31
CA LYS B 154 -15.63 9.10 17.09
C LYS B 154 -16.11 9.96 18.26
N GLU B 155 -17.00 9.40 19.09
CA GLU B 155 -17.25 9.88 20.44
C GLU B 155 -16.67 8.89 21.46
N TYR B 156 -16.27 9.40 22.63
CA TYR B 156 -15.54 8.61 23.64
C TYR B 156 -16.13 8.85 25.03
N ARG B 157 -16.92 7.90 25.47
CA ARG B 157 -17.80 8.11 26.62
C ARG B 157 -17.08 7.92 27.95
N LYS B 158 -15.98 7.20 27.95
N LYS B 158 -15.98 7.20 27.95
CA LYS B 158 -15.14 6.97 29.12
CA LYS B 158 -15.13 7.00 29.13
C LYS B 158 -13.71 6.79 28.64
C LYS B 158 -13.70 6.78 28.64
N PRO B 159 -12.71 6.92 29.51
CA PRO B 159 -11.32 6.75 29.05
C PRO B 159 -11.03 5.40 28.40
N VAL B 160 -11.70 4.33 28.88
CA VAL B 160 -11.51 2.99 28.34
C VAL B 160 -11.88 2.92 26.85
N ASP B 161 -12.74 3.82 26.38
CA ASP B 161 -13.19 3.86 24.99
C ASP B 161 -12.07 4.20 23.99
N TRP B 162 -11.05 4.97 24.40
CA TRP B 162 -9.88 5.20 23.54
C TRP B 162 -8.72 4.26 23.87
N GLY B 163 -9.01 3.18 24.59
CA GLY B 163 -8.02 2.18 24.93
C GLY B 163 -7.53 2.29 26.36
N ALA B 164 -7.36 3.51 26.85
CA ALA B 164 -6.59 3.71 28.08
C ALA B 164 -7.28 3.05 29.27
N ALA B 165 -6.50 2.36 30.09
CA ALA B 165 -7.04 1.82 31.33
C ALA B 165 -7.36 2.92 32.35
N SER B 166 -6.76 4.10 32.19
CA SER B 166 -6.82 5.19 33.16
C SER B 166 -7.28 6.47 32.47
N PRO B 167 -7.49 7.54 33.23
CA PRO B 167 -7.75 8.87 32.62
C PRO B 167 -6.55 9.80 32.64
N ALA B 168 -5.39 9.32 33.07
CA ALA B 168 -4.17 10.12 33.12
C ALA B 168 -3.73 10.51 31.72
N ILE B 169 -4.26 11.61 31.20
CA ILE B 169 -3.94 12.12 29.87
C ILE B 169 -3.63 13.60 30.03
N GLN B 170 -2.44 14.04 29.59
CA GLN B 170 -2.14 15.45 29.82
C GLN B 170 -1.44 16.12 28.63
N SER B 171 -1.63 15.62 27.41
CA SER B 171 -1.24 16.36 26.22
C SER B 171 -1.92 15.72 25.02
N PHE B 172 -2.06 16.50 23.95
CA PHE B 172 -2.65 15.97 22.73
C PHE B 172 -2.21 16.80 21.54
N ARG B 173 -2.28 16.17 20.37
CA ARG B 173 -1.87 16.73 19.10
C ARG B 173 -2.96 16.40 18.10
N ARG B 174 -2.98 17.13 16.98
CA ARG B 174 -3.74 16.66 15.83
C ARG B 174 -2.79 16.10 14.78
N ILE B 175 -3.33 15.29 13.87
CA ILE B 175 -2.52 14.77 12.79
C ILE B 175 -2.49 15.76 11.64
N VAL B 176 -1.47 15.64 10.79
CA VAL B 176 -1.27 16.57 9.69
C VAL B 176 -0.74 15.85 8.45
N GLU B 177 -1.65 15.58 7.49
CA GLU B 177 -1.31 15.25 6.08
C GLU B 177 -2.60 14.96 5.31
N SER C 1 1.32 -10.46 -3.85
CA SER C 1 2.61 -11.01 -3.43
C SER C 1 3.12 -10.35 -2.15
N LYS C 2 4.10 -9.47 -2.31
CA LYS C 2 4.61 -8.62 -1.23
C LYS C 2 3.81 -7.31 -1.25
N THR C 3 4.31 -6.25 -0.63
CA THR C 3 3.54 -5.03 -0.49
C THR C 3 3.72 -4.08 -1.67
N GLY C 4 4.55 -4.42 -2.65
CA GLY C 4 4.81 -3.56 -3.79
C GLY C 4 3.82 -3.60 -4.95
N GLY C 5 2.62 -4.15 -4.74
CA GLY C 5 1.62 -4.14 -5.79
C GLY C 5 1.06 -2.75 -6.05
N LYS C 6 0.26 -2.64 -7.11
CA LYS C 6 -0.27 -1.38 -7.60
C LYS C 6 -1.25 -1.68 -8.72
N ILE C 7 -2.44 -1.09 -8.61
CA ILE C 7 -3.48 -1.27 -9.61
C ILE C 7 -4.05 0.12 -9.93
N SER C 8 -4.42 0.33 -11.20
CA SER C 8 -4.94 1.64 -11.63
C SER C 8 -6.23 1.45 -12.40
N PHE C 9 -7.22 2.27 -12.06
CA PHE C 9 -8.56 2.14 -12.63
C PHE C 9 -8.87 3.31 -13.53
N TYR C 10 -9.41 3.03 -14.70
CA TYR C 10 -9.75 4.06 -15.66
C TYR C 10 -11.25 4.13 -15.88
N GLU C 11 -11.73 5.33 -16.18
CA GLU C 11 -13.15 5.48 -16.36
C GLU C 11 -13.61 5.13 -17.76
N ASP C 12 -12.74 5.21 -18.77
CA ASP C 12 -13.04 4.85 -20.15
C ASP C 12 -12.28 3.60 -20.54
N ARG C 13 -12.74 2.94 -21.61
CA ARG C 13 -11.97 1.85 -22.20
C ARG C 13 -10.62 2.35 -22.74
N ASN C 14 -9.72 1.41 -22.94
CA ASN C 14 -8.42 1.67 -23.56
C ASN C 14 -7.57 2.61 -22.72
N PHE C 15 -7.76 2.56 -21.40
CA PHE C 15 -6.92 3.24 -20.41
C PHE C 15 -6.96 4.76 -20.58
N LEU C 16 -8.18 5.31 -20.48
CA LEU C 16 -8.48 6.69 -20.78
C LEU C 16 -9.56 7.18 -19.82
N GLY C 17 -9.72 8.51 -19.73
CA GLY C 17 -10.56 9.08 -18.70
C GLY C 17 -9.80 9.34 -17.41
N ARG C 18 -10.56 9.69 -16.36
CA ARG C 18 -9.96 9.80 -15.04
C ARG C 18 -9.44 8.45 -14.55
N ARG C 19 -8.37 8.52 -13.77
CA ARG C 19 -7.61 7.38 -13.30
C ARG C 19 -7.42 7.47 -11.80
N TYR C 20 -7.68 6.37 -11.09
CA TYR C 20 -7.36 6.24 -9.66
C TYR C 20 -6.39 5.07 -9.43
N ASP C 21 -5.40 5.25 -8.56
CA ASP C 21 -4.39 4.22 -8.31
C ASP C 21 -4.43 3.78 -6.86
N CYS C 22 -4.40 2.47 -6.61
CA CYS C 22 -4.19 1.91 -5.30
C CYS C 22 -2.88 1.14 -5.27
N ASP C 23 -2.21 1.15 -4.10
CA ASP C 23 -1.27 0.11 -3.70
C ASP C 23 -1.68 -0.64 -2.44
N CYS C 24 -2.77 -0.25 -1.79
CA CYS C 24 -3.31 -0.93 -0.62
C CYS C 24 -4.83 -0.99 -0.78
N ASP C 25 -5.54 -1.60 0.16
CA ASP C 25 -6.97 -1.77 0.01
C ASP C 25 -7.70 -0.43 0.12
N CYS C 26 -8.74 -0.28 -0.70
CA CYS C 26 -9.55 0.94 -0.77
C CYS C 26 -11.02 0.60 -0.54
N ALA C 27 -11.54 0.98 0.63
CA ALA C 27 -12.93 0.68 0.95
C ALA C 27 -13.89 1.34 -0.06
N ASP C 28 -13.66 2.60 -0.44
CA ASP C 28 -14.50 3.16 -1.50
C ASP C 28 -13.67 4.05 -2.44
N PHE C 29 -13.88 3.91 -3.77
CA PHE C 29 -13.46 4.91 -4.74
C PHE C 29 -14.61 5.41 -5.62
N ARG C 30 -15.86 5.31 -5.16
CA ARG C 30 -16.99 5.90 -5.87
C ARG C 30 -16.97 7.43 -5.83
N SER C 31 -16.25 8.00 -4.88
CA SER C 31 -16.03 9.44 -4.76
C SER C 31 -14.85 9.92 -5.61
N TYR C 32 -14.54 9.19 -6.68
CA TYR C 32 -13.34 9.44 -7.46
C TYR C 32 -13.58 9.05 -8.93
N LEU C 33 -14.33 7.97 -9.15
CA LEU C 33 -14.69 7.54 -10.49
C LEU C 33 -16.19 7.38 -10.60
N SER C 34 -16.75 7.84 -11.71
CA SER C 34 -18.15 7.57 -12.00
C SER C 34 -18.35 6.14 -12.48
N ARG C 35 -17.34 5.57 -13.17
CA ARG C 35 -17.40 4.26 -13.83
C ARG C 35 -15.99 3.65 -13.85
N CYS C 36 -15.88 2.40 -14.34
CA CYS C 36 -14.57 1.83 -14.67
C CYS C 36 -14.66 0.87 -15.85
N ASN C 37 -13.97 1.18 -16.97
CA ASN C 37 -13.92 0.27 -18.11
C ASN C 37 -12.54 -0.17 -18.57
N SER C 38 -11.48 0.10 -17.82
CA SER C 38 -10.23 -0.59 -18.11
C SER C 38 -9.39 -0.54 -16.84
N ILE C 39 -8.55 -1.56 -16.68
CA ILE C 39 -7.71 -1.70 -15.48
C ILE C 39 -6.29 -2.01 -15.89
N ARG C 40 -5.34 -1.52 -15.09
CA ARG C 40 -3.92 -1.81 -15.26
C ARG C 40 -3.33 -2.25 -13.93
N VAL C 41 -3.10 -3.54 -13.79
CA VAL C 41 -2.41 -4.09 -12.62
C VAL C 41 -0.92 -4.03 -12.92
N GLU C 42 -0.17 -3.21 -12.18
CA GLU C 42 1.26 -3.23 -12.41
C GLU C 42 1.97 -4.20 -11.47
N GLY C 43 1.43 -4.43 -10.29
CA GLY C 43 2.02 -5.39 -9.40
C GLY C 43 0.98 -6.01 -8.51
N GLY C 44 1.23 -7.23 -8.09
CA GLY C 44 0.34 -7.89 -7.19
C GLY C 44 -0.85 -8.51 -7.89
N THR C 45 -1.74 -9.01 -7.07
CA THR C 45 -2.97 -9.69 -7.51
C THR C 45 -4.08 -9.08 -6.67
N TRP C 46 -5.18 -8.71 -7.30
CA TRP C 46 -6.11 -7.81 -6.64
C TRP C 46 -7.49 -8.41 -6.68
N ALA C 47 -8.26 -8.11 -5.65
CA ALA C 47 -9.67 -8.45 -5.62
C ALA C 47 -10.45 -7.15 -5.69
N VAL C 48 -11.30 -7.02 -6.71
CA VAL C 48 -12.03 -5.80 -7.01
C VAL C 48 -13.52 -6.03 -6.79
N TYR C 49 -14.26 -4.97 -6.46
CA TYR C 49 -15.64 -5.12 -6.01
C TYR C 49 -16.57 -4.12 -6.66
N GLU C 50 -17.75 -4.63 -7.05
CA GLU C 50 -18.81 -3.82 -7.61
C GLU C 50 -19.15 -2.64 -6.71
N ARG C 51 -19.29 -2.90 -5.43
CA ARG C 51 -19.71 -1.90 -4.49
C ARG C 51 -18.56 -1.49 -3.57
N PRO C 52 -18.61 -0.29 -3.03
CA PRO C 52 -17.76 0.05 -1.89
C PRO C 52 -17.88 -0.96 -0.77
N ASN C 53 -16.96 -0.90 0.19
CA ASN C 53 -16.93 -1.79 1.35
C ASN C 53 -16.91 -3.26 0.93
N PHE C 54 -16.27 -3.54 -0.22
CA PHE C 54 -16.06 -4.90 -0.69
C PHE C 54 -17.34 -5.71 -0.78
N SER C 55 -18.44 -5.07 -1.13
CA SER C 55 -19.68 -5.82 -1.32
C SER C 55 -19.94 -5.93 -2.82
N GLY C 56 -21.00 -6.65 -3.16
CA GLY C 56 -21.27 -6.88 -4.55
C GLY C 56 -20.47 -8.05 -5.11
N HIS C 57 -20.41 -8.11 -6.43
CA HIS C 57 -19.69 -9.18 -7.10
C HIS C 57 -18.19 -8.93 -7.08
N TYR C 59 -14.35 -9.81 -8.77
CA TYR C 59 -13.49 -10.21 -9.87
C TYR C 59 -12.07 -10.25 -9.36
N ILE C 60 -11.30 -11.25 -9.78
CA ILE C 60 -9.91 -11.34 -9.35
C ILE C 60 -9.03 -10.94 -10.54
N LEU C 61 -8.05 -10.11 -10.28
CA LEU C 61 -7.25 -9.48 -11.34
C LEU C 61 -5.77 -9.71 -11.09
N PRO C 62 -5.09 -10.50 -11.93
CA PRO C 62 -3.64 -10.62 -11.81
C PRO C 62 -2.97 -9.55 -12.64
N GLN C 63 -1.64 -9.49 -12.52
N GLN C 63 -1.64 -9.47 -12.50
CA GLN C 63 -0.82 -8.54 -13.27
CA GLN C 63 -0.88 -8.49 -13.26
C GLN C 63 -1.16 -8.58 -14.76
C GLN C 63 -1.24 -8.58 -14.74
N GLY C 64 -1.38 -7.41 -15.34
CA GLY C 64 -1.66 -7.33 -16.76
C GLY C 64 -2.47 -6.10 -17.08
N GLU C 65 -2.84 -6.02 -18.35
CA GLU C 65 -3.32 -4.79 -18.96
C GLU C 65 -4.72 -5.02 -19.51
N TYR C 66 -5.74 -4.59 -18.77
CA TYR C 66 -7.11 -4.97 -19.08
C TYR C 66 -7.93 -3.85 -19.73
N PRO C 67 -8.08 -3.87 -21.05
CA PRO C 67 -8.64 -2.70 -21.78
C PRO C 67 -10.16 -2.56 -21.71
N GLU C 68 -10.87 -3.57 -21.21
CA GLU C 68 -12.33 -3.62 -21.25
C GLU C 68 -12.82 -4.35 -20.01
N TYR C 69 -14.04 -4.03 -19.56
CA TYR C 69 -14.52 -4.71 -18.36
C TYR C 69 -14.86 -6.17 -18.62
N GLN C 70 -15.18 -6.54 -19.87
CA GLN C 70 -15.39 -7.94 -20.24
C GLN C 70 -14.08 -8.76 -20.29
N ARG C 71 -12.90 -8.13 -20.28
CA ARG C 71 -11.66 -8.90 -20.27
C ARG C 71 -11.19 -9.15 -18.86
N TRP C 72 -12.04 -8.86 -17.89
CA TRP C 72 -11.93 -9.43 -16.55
C TRP C 72 -13.27 -10.04 -16.13
N GLY C 74 -16.28 -9.03 -16.19
CA GLY C 74 -17.19 -8.22 -15.43
C GLY C 74 -18.56 -8.17 -16.07
N LEU C 75 -19.56 -7.80 -15.26
CA LEU C 75 -20.95 -7.67 -15.73
C LEU C 75 -21.31 -6.26 -16.17
N ASN C 76 -20.54 -5.25 -15.75
CA ASN C 76 -20.63 -3.87 -16.21
C ASN C 76 -19.45 -3.15 -15.56
N ASP C 77 -19.50 -1.81 -15.54
CA ASP C 77 -18.38 -0.99 -15.11
C ASP C 77 -18.56 -0.39 -13.73
N ARG C 78 -19.49 -0.92 -12.93
CA ARG C 78 -19.66 -0.43 -11.57
C ARG C 78 -18.70 -1.20 -10.67
N LEU C 79 -17.56 -0.62 -10.36
CA LEU C 79 -16.70 -1.11 -9.30
C LEU C 79 -16.49 -0.02 -8.25
N GLY C 80 -16.32 -0.46 -6.99
CA GLY C 80 -16.29 0.50 -5.90
C GLY C 80 -15.34 0.22 -4.75
N SER C 81 -14.54 -0.83 -4.83
CA SER C 81 -13.58 -1.09 -3.76
C SER C 81 -12.63 -2.20 -4.19
N CYS C 82 -11.47 -2.23 -3.55
CA CYS C 82 -10.53 -3.27 -3.89
C CYS C 82 -9.60 -3.52 -2.71
N ARG C 83 -8.81 -4.58 -2.85
CA ARG C 83 -8.11 -5.19 -1.73
C ARG C 83 -7.16 -6.26 -2.25
N ALA C 84 -5.88 -6.12 -1.94
CA ALA C 84 -4.86 -7.01 -2.49
C ALA C 84 -4.94 -8.38 -1.84
N VAL C 85 -4.52 -9.39 -2.60
CA VAL C 85 -4.54 -10.76 -2.11
C VAL C 85 -3.12 -11.20 -1.84
N HIS C 86 -2.96 -12.03 -0.79
CA HIS C 86 -1.70 -12.52 -0.26
C HIS C 86 -1.49 -13.98 -0.64
N LEU C 87 -0.25 -14.46 -0.45
CA LEU C 87 0.13 -15.77 -0.99
C LEU C 87 0.82 -16.67 0.05
N SER C 88 0.61 -16.41 1.34
CA SER C 88 1.00 -17.29 2.45
C SER C 88 2.49 -17.63 2.41
N SER C 89 3.30 -16.63 2.75
CA SER C 89 4.74 -16.82 2.93
C SER C 89 5.11 -17.13 4.38
N GLY C 90 4.16 -17.01 5.30
CA GLY C 90 4.32 -17.52 6.64
C GLY C 90 3.95 -18.99 6.76
N GLY C 91 3.73 -19.66 5.63
CA GLY C 91 3.39 -21.06 5.60
C GLY C 91 3.70 -21.50 4.20
N GLN C 92 4.96 -21.38 3.78
CA GLN C 92 5.27 -21.75 2.41
C GLN C 92 6.54 -22.60 2.29
N ALA C 93 6.94 -23.33 3.33
CA ALA C 93 8.14 -24.15 3.24
C ALA C 93 8.21 -25.15 4.39
N LYS C 94 8.60 -26.38 4.06
CA LYS C 94 8.97 -27.41 5.03
C LYS C 94 10.23 -28.10 4.51
N ILE C 95 10.74 -29.04 5.29
CA ILE C 95 12.00 -29.72 4.99
C ILE C 95 11.97 -31.10 5.62
N GLN C 96 12.77 -32.02 5.06
CA GLN C 96 12.92 -33.38 5.58
C GLN C 96 14.41 -33.73 5.57
N VAL C 97 14.98 -33.90 6.77
CA VAL C 97 16.39 -34.19 6.92
C VAL C 97 16.57 -35.68 7.20
N PHE C 98 17.82 -36.15 7.12
CA PHE C 98 18.07 -37.58 7.15
C PHE C 98 19.41 -37.91 7.78
N GLU C 99 19.39 -38.81 8.76
CA GLU C 99 20.58 -39.10 9.54
C GLU C 99 21.66 -39.76 8.70
N LYS C 100 21.27 -40.71 7.86
CA LYS C 100 22.19 -41.42 6.99
C LYS C 100 21.97 -40.98 5.54
N GLY C 101 23.05 -41.03 4.75
CA GLY C 101 22.98 -40.57 3.39
C GLY C 101 22.03 -41.40 2.55
N ASP C 102 21.47 -40.76 1.52
CA ASP C 102 20.55 -41.40 0.59
C ASP C 102 19.33 -41.98 1.31
N PHE C 103 18.88 -41.28 2.35
CA PHE C 103 17.58 -41.46 3.04
C PHE C 103 17.56 -42.68 3.95
N ASN C 104 18.69 -43.31 4.23
CA ASN C 104 18.76 -44.28 5.31
C ASN C 104 18.78 -43.52 6.64
N GLY C 105 18.77 -44.26 7.74
CA GLY C 105 18.44 -43.64 9.01
C GLY C 105 16.97 -43.26 9.00
N GLN C 106 16.55 -42.62 10.08
CA GLN C 106 15.14 -42.29 10.21
C GLN C 106 14.88 -40.82 9.83
N TYR C 108 13.21 -37.17 9.56
CA TYR C 108 12.82 -36.10 10.46
C TYR C 108 12.41 -34.88 9.65
N GLU C 109 11.22 -34.36 9.93
CA GLU C 109 10.59 -33.33 9.12
C GLU C 109 10.20 -32.17 10.02
N THR C 110 10.16 -30.97 9.44
CA THR C 110 9.59 -29.82 10.11
C THR C 110 9.23 -28.78 9.06
N THR C 111 8.50 -27.78 9.49
CA THR C 111 8.27 -26.56 8.72
C THR C 111 8.73 -25.34 9.48
N GLU C 112 9.24 -25.51 10.70
CA GLU C 112 9.87 -24.43 11.45
C GLU C 112 11.37 -24.41 11.13
N ASP C 113 12.10 -23.54 11.81
CA ASP C 113 13.56 -23.51 11.73
C ASP C 113 14.14 -24.42 12.82
N CYS C 114 15.45 -24.76 12.71
CA CYS C 114 15.94 -25.44 13.91
C CYS C 114 17.28 -24.90 14.44
N PRO C 115 17.31 -24.40 15.68
CA PRO C 115 18.52 -23.80 16.24
C PRO C 115 19.64 -24.79 16.44
N SER C 116 19.36 -25.84 17.20
CA SER C 116 20.35 -26.87 17.50
C SER C 116 19.64 -28.18 17.21
N ILE C 117 19.95 -28.78 16.06
CA ILE C 117 19.24 -30.00 15.71
C ILE C 117 19.63 -31.12 16.66
N GLU C 119 19.82 -30.39 19.99
CA GLU C 119 18.85 -30.12 21.04
C GLU C 119 17.44 -30.53 20.62
N GLN C 120 17.08 -30.27 19.36
CA GLN C 120 15.68 -30.49 18.96
C GLN C 120 15.43 -31.93 18.55
N PHE C 121 16.36 -32.56 17.82
CA PHE C 121 16.09 -33.81 17.13
C PHE C 121 17.05 -34.94 17.49
N HIS C 122 18.15 -34.65 18.20
CA HIS C 122 19.07 -35.70 18.63
C HIS C 122 19.81 -36.38 17.48
N LEU C 123 20.38 -35.58 16.58
CA LEU C 123 21.33 -36.06 15.58
C LEU C 123 22.61 -35.23 15.69
N ARG C 124 23.74 -35.87 15.37
CA ARG C 124 25.03 -35.18 15.31
C ARG C 124 25.32 -34.56 13.94
N GLU C 125 24.94 -35.26 12.86
CA GLU C 125 25.22 -34.79 11.50
C GLU C 125 24.04 -35.15 10.59
N ILE C 126 23.89 -34.35 9.52
CA ILE C 126 22.83 -34.52 8.52
C ILE C 126 23.49 -35.02 7.23
N HIS C 127 23.13 -36.24 6.80
CA HIS C 127 23.75 -36.87 5.64
C HIS C 127 22.93 -36.79 4.37
N SER C 128 21.62 -36.57 4.45
CA SER C 128 20.80 -36.40 3.25
C SER C 128 19.69 -35.42 3.57
N CYS C 129 18.88 -35.09 2.55
CA CYS C 129 17.61 -34.39 2.76
C CYS C 129 16.90 -34.17 1.42
N LYS C 130 15.57 -34.05 1.51
CA LYS C 130 14.75 -33.50 0.44
C LYS C 130 13.98 -32.32 1.02
N VAL C 131 13.90 -31.23 0.25
CA VAL C 131 13.17 -30.04 0.67
C VAL C 131 11.86 -29.97 -0.09
N VAL C 132 10.76 -29.83 0.65
CA VAL C 132 9.43 -29.87 0.06
C VAL C 132 9.27 -28.73 -0.92
N GLU C 133 9.75 -27.54 -0.55
CA GLU C 133 9.56 -26.28 -1.23
C GLU C 133 10.13 -25.23 -0.29
N GLY C 134 10.63 -24.15 -0.84
CA GLY C 134 11.33 -23.15 -0.06
C GLY C 134 12.83 -23.23 -0.28
N THR C 135 13.50 -22.21 0.22
CA THR C 135 14.95 -22.14 0.18
C THR C 135 15.48 -22.12 1.61
N TRP C 136 16.59 -22.82 1.84
CA TRP C 136 17.05 -23.14 3.19
C TRP C 136 18.54 -22.94 3.29
N ILE C 137 18.99 -22.66 4.52
CA ILE C 137 20.41 -22.46 4.81
C ILE C 137 20.79 -23.43 5.90
N PHE C 138 21.85 -24.20 5.65
CA PHE C 138 22.54 -24.97 6.67
C PHE C 138 23.72 -24.19 7.19
N TYR C 139 23.97 -24.28 8.48
CA TYR C 139 25.20 -23.77 9.06
C TYR C 139 25.95 -24.92 9.71
N GLU C 140 27.20 -24.64 10.04
CA GLU C 140 28.07 -25.65 10.63
C GLU C 140 27.64 -25.97 12.04
N LEU C 141 27.35 -24.94 12.83
CA LEU C 141 27.11 -25.04 14.27
C LEU C 141 25.64 -24.83 14.65
N PRO C 142 25.29 -24.80 15.95
CA PRO C 142 23.88 -24.53 16.29
C PRO C 142 23.47 -23.06 16.25
N ASN C 143 24.22 -22.14 16.82
CA ASN C 143 23.91 -20.70 16.85
C ASN C 143 23.74 -20.08 15.44
N TYR C 144 23.65 -20.81 14.33
CA TYR C 144 23.53 -20.23 12.97
C TYR C 144 24.81 -19.51 12.49
N ARG C 145 25.98 -19.87 13.02
CA ARG C 145 27.20 -19.36 12.46
C ARG C 145 27.95 -20.46 11.74
N GLY C 146 29.25 -20.29 11.62
CA GLY C 146 30.06 -21.22 10.88
C GLY C 146 29.79 -21.11 9.40
N ARG C 147 30.39 -22.03 8.66
CA ARG C 147 30.17 -22.07 7.22
CA ARG C 147 30.17 -22.02 7.22
C ARG C 147 28.68 -22.19 6.94
N GLN C 148 28.23 -21.56 5.86
CA GLN C 148 26.84 -21.70 5.44
C GLN C 148 26.77 -22.23 4.01
N TYR C 149 25.70 -22.99 3.76
CA TYR C 149 25.36 -23.58 2.47
C TYR C 149 23.87 -23.36 2.24
N LEU C 150 23.46 -23.13 1.00
CA LEU C 150 22.03 -23.00 0.77
C LEU C 150 21.53 -24.10 -0.15
N LEU C 151 20.24 -24.32 -0.03
CA LEU C 151 19.56 -25.49 -0.58
C LEU C 151 18.24 -25.01 -1.19
N ASP C 152 18.15 -25.01 -2.52
CA ASP C 152 16.87 -24.79 -3.18
C ASP C 152 16.06 -26.09 -3.24
N LYS C 153 14.82 -25.97 -3.72
CA LYS C 153 13.83 -27.04 -3.67
C LYS C 153 14.26 -28.29 -4.45
N LYS C 154 14.93 -29.23 -3.81
CA LYS C 154 15.34 -30.44 -4.50
C LYS C 154 15.63 -31.54 -3.49
N GLU C 155 16.45 -32.51 -3.91
CA GLU C 155 16.67 -33.77 -3.20
C GLU C 155 18.18 -34.03 -3.20
N TYR C 156 18.81 -34.07 -2.05
CA TYR C 156 20.26 -34.28 -1.94
C TYR C 156 20.53 -35.54 -1.09
N ARG C 157 21.01 -36.59 -1.76
CA ARG C 157 21.35 -37.84 -1.09
C ARG C 157 22.62 -37.72 -0.24
N LYS C 158 23.70 -37.23 -0.83
CA LYS C 158 24.90 -37.08 -0.01
C LYS C 158 25.24 -35.61 0.20
N PRO C 159 25.93 -35.25 1.31
CA PRO C 159 26.29 -33.83 1.56
C PRO C 159 27.06 -33.16 0.44
N VAL C 160 27.41 -33.92 -0.61
CA VAL C 160 28.11 -33.35 -1.75
C VAL C 160 27.18 -32.54 -2.65
N ASP C 161 25.89 -32.86 -2.67
CA ASP C 161 24.98 -32.10 -3.52
C ASP C 161 24.82 -30.66 -3.04
N TRP C 162 24.96 -30.42 -1.73
CA TRP C 162 25.18 -29.06 -1.26
C TRP C 162 26.67 -28.85 -1.01
N GLY C 163 27.04 -27.67 -0.53
CA GLY C 163 28.38 -27.20 -0.77
C GLY C 163 29.58 -27.79 -0.04
N ALA C 164 29.58 -29.07 0.35
CA ALA C 164 30.75 -29.57 1.06
C ALA C 164 30.85 -31.09 0.95
N ALA C 165 31.74 -31.67 1.74
CA ALA C 165 31.79 -33.09 1.97
C ALA C 165 31.74 -33.43 3.45
N SER C 166 32.09 -32.50 4.32
CA SER C 166 31.93 -32.74 5.74
C SER C 166 30.45 -32.80 6.07
N PRO C 167 30.01 -33.75 6.89
CA PRO C 167 28.60 -33.78 7.31
C PRO C 167 28.25 -32.73 8.34
N ALA C 168 29.20 -31.88 8.73
CA ALA C 168 29.05 -31.02 9.90
C ALA C 168 28.05 -29.89 9.67
N ILE C 169 26.81 -30.07 10.11
CA ILE C 169 25.86 -28.97 10.25
C ILE C 169 25.07 -29.17 11.54
N GLN C 170 24.80 -28.08 12.26
CA GLN C 170 24.01 -28.16 13.50
C GLN C 170 22.89 -27.12 13.60
N SER C 171 22.75 -26.23 12.63
CA SER C 171 21.62 -25.30 12.59
C SER C 171 21.16 -25.15 11.15
N PHE C 172 19.86 -24.98 10.97
CA PHE C 172 19.33 -24.62 9.65
C PHE C 172 18.21 -23.59 9.80
N ARG C 173 17.94 -22.87 8.69
CA ARG C 173 16.89 -21.84 8.66
C ARG C 173 16.20 -21.77 7.31
N ARG C 174 14.86 -21.84 7.34
CA ARG C 174 14.03 -21.28 6.29
C ARG C 174 14.26 -19.78 6.23
N ILE C 175 14.29 -19.22 5.04
CA ILE C 175 14.35 -17.78 4.92
C ILE C 175 13.06 -17.29 4.28
N VAL C 176 12.48 -16.25 4.89
CA VAL C 176 11.28 -15.65 4.33
C VAL C 176 11.68 -14.63 3.27
N GLU C 177 12.81 -13.95 3.47
CA GLU C 177 13.35 -12.91 2.57
C GLU C 177 14.68 -12.42 3.12
N LYS D 2 13.92 -11.49 -7.18
CA LYS D 2 14.09 -11.06 -8.57
C LYS D 2 13.55 -9.63 -8.75
N THR D 3 12.29 -9.43 -8.37
CA THR D 3 11.60 -8.16 -8.58
C THR D 3 12.24 -7.06 -7.73
N GLY D 4 12.97 -6.16 -8.39
CA GLY D 4 13.53 -5.00 -7.71
C GLY D 4 14.76 -5.26 -6.87
N GLY D 5 15.44 -6.38 -7.07
CA GLY D 5 16.61 -6.72 -6.29
C GLY D 5 17.87 -6.11 -6.85
N LYS D 6 18.75 -5.67 -5.94
CA LYS D 6 20.00 -5.06 -6.35
C LYS D 6 20.93 -5.02 -5.14
N ILE D 7 22.23 -5.25 -5.36
CA ILE D 7 23.24 -5.34 -4.30
C ILE D 7 24.47 -4.53 -4.69
N SER D 8 25.08 -3.88 -3.70
CA SER D 8 26.19 -2.96 -3.91
C SER D 8 27.33 -3.30 -2.96
N PHE D 9 28.53 -3.41 -3.53
CA PHE D 9 29.75 -3.80 -2.83
C PHE D 9 30.71 -2.63 -2.80
N TYR D 10 31.16 -2.26 -1.61
CA TYR D 10 32.09 -1.15 -1.44
C TYR D 10 33.43 -1.68 -0.98
N GLU D 11 34.51 -1.15 -1.56
CA GLU D 11 35.83 -1.60 -1.16
C GLU D 11 36.17 -1.14 0.25
N ASP D 12 35.51 -0.11 0.75
CA ASP D 12 35.84 0.48 2.04
C ASP D 12 34.65 0.41 2.96
N ARG D 13 34.92 0.55 4.25
CA ARG D 13 33.83 0.45 5.20
C ARG D 13 33.03 1.75 5.23
N ASN D 14 31.79 1.64 5.72
CA ASN D 14 30.85 2.77 5.78
C ASN D 14 30.53 3.30 4.38
N PHE D 15 30.48 2.38 3.43
CA PHE D 15 29.84 2.59 2.14
C PHE D 15 30.62 3.59 1.29
N LEU D 16 31.95 3.51 1.36
CA LEU D 16 32.82 4.40 0.59
C LEU D 16 33.78 3.59 -0.30
N GLY D 17 34.54 4.31 -1.10
CA GLY D 17 35.45 3.67 -2.01
C GLY D 17 34.80 3.37 -3.33
N ARG D 18 35.57 2.66 -4.18
CA ARG D 18 35.00 2.10 -5.39
C ARG D 18 33.79 1.22 -5.04
N ARG D 19 32.83 1.20 -5.95
CA ARG D 19 31.57 0.55 -5.64
C ARG D 19 31.10 -0.19 -6.88
N TYR D 20 30.68 -1.45 -6.72
CA TYR D 20 30.25 -2.23 -7.88
C TYR D 20 28.85 -2.78 -7.62
N ASP D 21 27.93 -2.58 -8.57
CA ASP D 21 26.54 -3.00 -8.40
C ASP D 21 26.15 -4.15 -9.32
N CYS D 22 25.26 -4.98 -8.78
CA CYS D 22 24.81 -6.19 -9.41
C CYS D 22 23.32 -6.28 -9.14
N ASP D 23 22.54 -6.68 -10.15
CA ASP D 23 21.15 -7.05 -9.90
C ASP D 23 20.79 -8.43 -10.40
N CYS D 24 21.57 -9.02 -11.28
CA CYS D 24 21.52 -10.45 -11.48
C CYS D 24 22.77 -11.06 -10.83
N ASP D 25 23.23 -12.19 -11.32
CA ASP D 25 24.41 -12.81 -10.76
C ASP D 25 25.65 -12.29 -11.50
N CYS D 26 26.76 -12.16 -10.79
CA CYS D 26 28.05 -11.94 -11.44
C CYS D 26 29.01 -13.02 -10.99
N ALA D 27 29.54 -13.78 -11.96
CA ALA D 27 30.41 -14.90 -11.66
C ALA D 27 31.80 -14.47 -11.18
N ASP D 28 32.33 -13.35 -11.67
CA ASP D 28 33.50 -12.76 -11.02
C ASP D 28 33.59 -11.27 -11.26
N PHE D 29 33.68 -10.54 -10.15
CA PHE D 29 33.88 -9.10 -10.19
C PHE D 29 35.13 -8.71 -9.42
N ARG D 30 36.07 -9.64 -9.29
CA ARG D 30 37.31 -9.29 -8.60
C ARG D 30 38.10 -8.26 -9.40
N SER D 31 37.85 -8.18 -10.70
CA SER D 31 38.52 -7.18 -11.52
C SER D 31 38.03 -5.76 -11.20
N TYR D 32 36.74 -5.58 -10.90
CA TYR D 32 36.26 -4.25 -10.55
C TYR D 32 36.52 -3.90 -9.09
N LEU D 33 36.62 -4.89 -8.21
CA LEU D 33 36.65 -4.59 -6.79
C LEU D 33 37.78 -5.33 -6.11
N SER D 34 38.67 -4.58 -5.45
CA SER D 34 39.82 -5.15 -4.76
C SER D 34 39.35 -5.89 -3.52
N ARG D 35 39.01 -5.13 -2.47
CA ARG D 35 38.45 -5.63 -1.24
C ARG D 35 36.93 -5.40 -1.23
N CYS D 36 36.27 -5.78 -0.13
CA CYS D 36 34.88 -5.39 0.09
C CYS D 36 34.63 -5.35 1.59
N ASN D 37 34.36 -4.14 2.11
CA ASN D 37 34.14 -3.94 3.54
C ASN D 37 32.79 -3.37 3.88
N SER D 38 31.97 -3.01 2.89
CA SER D 38 30.59 -2.67 3.19
C SER D 38 29.76 -3.18 2.04
N ILE D 39 28.54 -3.58 2.35
CA ILE D 39 27.56 -3.94 1.34
C ILE D 39 26.24 -3.29 1.65
N ARG D 40 25.57 -2.82 0.60
CA ARG D 40 24.16 -2.42 0.63
C ARG D 40 23.37 -3.38 -0.24
N VAL D 41 22.23 -3.83 0.29
CA VAL D 41 21.31 -4.73 -0.39
C VAL D 41 19.98 -4.00 -0.42
N GLU D 42 19.64 -3.42 -1.55
CA GLU D 42 18.39 -2.67 -1.58
C GLU D 42 17.22 -3.61 -1.72
N GLY D 43 17.36 -4.64 -2.54
CA GLY D 43 16.26 -5.55 -2.80
C GLY D 43 16.69 -6.98 -2.92
N GLY D 44 15.86 -7.89 -2.44
CA GLY D 44 16.11 -9.31 -2.59
C GLY D 44 17.12 -9.82 -1.58
N THR D 45 17.24 -11.13 -1.52
CA THR D 45 18.27 -11.78 -0.73
C THR D 45 19.32 -12.31 -1.69
N TRP D 46 20.57 -12.33 -1.23
CA TRP D 46 21.72 -12.54 -2.11
C TRP D 46 22.72 -13.50 -1.46
N ALA D 47 23.30 -14.37 -2.28
CA ALA D 47 24.38 -15.25 -1.87
C ALA D 47 25.70 -14.68 -2.37
N VAL D 48 26.66 -14.54 -1.47
CA VAL D 48 27.91 -13.86 -1.74
C VAL D 48 29.05 -14.84 -1.45
N TYR D 49 29.87 -15.11 -2.47
CA TYR D 49 30.93 -16.11 -2.44
C TYR D 49 32.32 -15.47 -2.38
N GLU D 50 33.20 -16.04 -1.55
CA GLU D 50 34.54 -15.51 -1.42
C GLU D 50 35.26 -15.50 -2.76
N ARG D 51 35.04 -16.52 -3.55
CA ARG D 51 35.80 -16.65 -4.77
C ARG D 51 34.91 -16.66 -6.01
N PRO D 52 35.49 -16.53 -7.20
CA PRO D 52 34.70 -16.44 -8.44
C PRO D 52 33.94 -17.73 -8.75
N ASN D 53 33.01 -17.59 -9.68
CA ASN D 53 32.11 -18.66 -10.10
C ASN D 53 31.61 -19.47 -8.91
N PHE D 54 31.26 -18.74 -7.84
CA PHE D 54 30.38 -19.23 -6.78
C PHE D 54 31.07 -20.25 -5.89
N SER D 55 32.35 -20.02 -5.61
CA SER D 55 33.14 -20.99 -4.85
C SER D 55 33.76 -20.29 -3.64
N GLY D 56 34.14 -21.10 -2.68
CA GLY D 56 34.62 -20.59 -1.41
C GLY D 56 33.52 -20.58 -0.37
N HIS D 57 33.80 -19.88 0.72
CA HIS D 57 32.77 -19.67 1.71
C HIS D 57 31.75 -18.71 1.15
N TYR D 59 28.06 -16.36 2.11
CA TYR D 59 27.17 -15.81 3.11
C TYR D 59 25.86 -15.40 2.45
N ILE D 60 24.82 -15.51 3.19
CA ILE D 60 23.56 -14.93 2.79
C ILE D 60 23.43 -13.58 3.45
N LEU D 61 22.81 -12.67 2.75
CA LEU D 61 22.52 -11.31 3.20
C LEU D 61 21.14 -10.93 2.71
N PRO D 62 20.18 -10.75 3.63
CA PRO D 62 18.89 -10.15 3.28
C PRO D 62 19.06 -8.71 2.90
N GLN D 63 18.00 -8.05 2.47
CA GLN D 63 18.15 -6.60 2.33
C GLN D 63 18.40 -5.98 3.69
N GLY D 64 19.14 -4.88 3.64
CA GLY D 64 19.80 -4.34 4.81
C GLY D 64 21.05 -3.60 4.38
N GLU D 65 21.73 -3.05 5.37
CA GLU D 65 22.89 -2.19 5.15
C GLU D 65 24.02 -2.69 6.03
N TYR D 66 25.13 -3.09 5.42
CA TYR D 66 26.23 -3.75 6.13
C TYR D 66 27.53 -2.96 6.01
N PRO D 67 27.99 -2.37 7.08
CA PRO D 67 29.11 -1.42 6.99
C PRO D 67 30.48 -2.06 7.20
N GLU D 68 30.49 -3.19 7.89
CA GLU D 68 31.68 -4.01 8.14
C GLU D 68 31.43 -5.36 7.51
N TYR D 69 32.50 -6.09 7.17
CA TYR D 69 32.27 -7.48 6.74
C TYR D 69 31.80 -8.36 7.88
N GLN D 70 32.19 -8.06 9.12
CA GLN D 70 31.72 -8.83 10.27
C GLN D 70 30.21 -8.72 10.49
N ARG D 71 29.57 -7.69 9.92
CA ARG D 71 28.13 -7.53 10.07
C ARG D 71 27.37 -8.60 9.29
N TRP D 72 27.95 -9.10 8.20
CA TRP D 72 27.37 -10.27 7.53
C TRP D 72 28.07 -11.55 7.94
N GLY D 74 30.94 -12.25 7.87
CA GLY D 74 32.03 -12.54 6.95
C GLY D 74 33.35 -12.82 7.66
N LEU D 75 34.23 -13.53 6.96
CA LEU D 75 35.54 -13.87 7.53
C LEU D 75 36.62 -12.85 7.18
N ASN D 76 36.68 -12.40 5.92
CA ASN D 76 37.64 -11.38 5.52
C ASN D 76 36.91 -10.33 4.71
N ASP D 77 37.68 -9.61 3.90
CA ASP D 77 37.20 -8.75 2.84
C ASP D 77 37.20 -9.44 1.48
N ARG D 78 37.34 -10.77 1.45
CA ARG D 78 37.65 -11.50 0.21
C ARG D 78 36.38 -12.11 -0.35
N LEU D 79 35.82 -11.50 -1.39
CA LEU D 79 34.67 -12.06 -2.08
C LEU D 79 34.69 -11.59 -3.53
N GLY D 80 34.12 -12.41 -4.41
CA GLY D 80 34.27 -12.17 -5.83
C GLY D 80 33.11 -12.54 -6.75
N SER D 81 32.04 -13.07 -6.20
CA SER D 81 30.88 -13.44 -7.02
C SER D 81 29.65 -13.43 -6.14
N CYS D 82 28.52 -13.12 -6.76
CA CYS D 82 27.24 -13.12 -6.05
C CYS D 82 26.17 -13.68 -6.96
N ARG D 83 25.35 -14.53 -6.37
CA ARG D 83 24.17 -15.06 -7.01
C ARG D 83 22.98 -14.47 -6.29
N ALA D 84 21.96 -14.07 -7.03
CA ALA D 84 20.69 -13.76 -6.40
C ALA D 84 19.87 -15.05 -6.22
N VAL D 85 19.23 -15.17 -5.05
CA VAL D 85 18.48 -16.37 -4.73
C VAL D 85 17.01 -16.16 -5.08
N HIS D 86 16.54 -16.92 -6.07
CA HIS D 86 15.15 -16.91 -6.52
C HIS D 86 14.36 -17.74 -5.52
N LEU D 87 13.90 -17.10 -4.44
CA LEU D 87 13.07 -17.83 -3.49
C LEU D 87 11.83 -18.35 -4.21
N SER D 88 11.61 -19.66 -4.12
CA SER D 88 10.48 -20.34 -4.72
C SER D 88 9.17 -19.58 -4.47
N SER D 89 8.63 -18.95 -5.51
CA SER D 89 7.35 -18.25 -5.44
C SER D 89 6.25 -19.16 -5.97
N GLY D 90 5.32 -19.53 -5.09
CA GLY D 90 4.30 -20.50 -5.44
C GLY D 90 4.79 -21.93 -5.27
N GLY D 91 3.92 -22.87 -5.65
CA GLY D 91 4.24 -24.28 -5.66
C GLY D 91 3.63 -25.10 -4.54
N GLN D 92 2.77 -24.52 -3.72
CA GLN D 92 2.17 -25.20 -2.57
C GLN D 92 0.65 -25.35 -2.68
N ALA D 93 0.04 -24.89 -3.77
CA ALA D 93 -1.40 -24.99 -3.93
C ALA D 93 -1.78 -26.45 -4.14
N LYS D 94 -2.41 -27.06 -3.15
CA LYS D 94 -3.02 -28.36 -3.34
C LYS D 94 -4.52 -28.24 -3.08
N ILE D 95 -5.25 -29.32 -3.34
CA ILE D 95 -6.71 -29.28 -3.19
C ILE D 95 -7.30 -30.60 -2.70
N GLN D 96 -8.63 -30.67 -2.71
CA GLN D 96 -9.43 -31.85 -2.41
C GLN D 96 -10.89 -31.46 -2.58
N VAL D 97 -11.74 -32.37 -3.05
CA VAL D 97 -13.14 -32.06 -3.31
C VAL D 97 -13.99 -33.27 -2.96
N PHE D 98 -15.29 -33.04 -2.82
CA PHE D 98 -16.25 -34.13 -2.62
C PHE D 98 -17.65 -33.59 -2.85
N GLU D 99 -18.54 -34.49 -3.30
CA GLU D 99 -19.89 -34.12 -3.70
C GLU D 99 -20.88 -34.11 -2.55
N LYS D 100 -20.51 -34.66 -1.39
CA LYS D 100 -21.33 -34.57 -0.19
C LYS D 100 -20.63 -33.66 0.83
N GLY D 101 -21.14 -33.67 2.07
CA GLY D 101 -20.77 -32.64 3.03
C GLY D 101 -19.50 -32.87 3.83
N ASP D 102 -18.35 -32.49 3.27
CA ASP D 102 -17.09 -32.48 4.01
C ASP D 102 -16.75 -33.87 4.53
N PHE D 103 -16.83 -34.86 3.64
CA PHE D 103 -16.50 -36.22 4.03
C PHE D 103 -15.71 -36.89 2.93
N ASN D 104 -14.65 -37.59 3.33
CA ASN D 104 -13.83 -38.37 2.41
C ASN D 104 -14.68 -39.47 1.79
N GLY D 105 -15.48 -39.11 0.78
CA GLY D 105 -16.29 -40.03 0.00
C GLY D 105 -15.88 -40.00 -1.46
N GLN D 106 -16.43 -39.06 -2.23
CA GLN D 106 -15.79 -38.66 -3.46
C GLN D 106 -14.45 -38.01 -3.13
N TYR D 108 -10.57 -36.22 -5.03
CA TYR D 108 -9.80 -35.75 -6.17
C TYR D 108 -8.69 -34.82 -5.68
N GLU D 109 -7.42 -35.22 -5.91
CA GLU D 109 -6.25 -34.48 -5.41
C GLU D 109 -5.21 -34.42 -6.53
N THR D 110 -5.39 -33.47 -7.47
CA THR D 110 -4.40 -33.13 -8.48
C THR D 110 -4.30 -31.62 -8.55
N THR D 111 -3.07 -31.14 -8.62
CA THR D 111 -2.72 -29.73 -8.48
C THR D 111 -2.48 -29.10 -9.85
N GLU D 112 -3.47 -29.29 -10.73
CA GLU D 112 -3.52 -28.53 -11.96
C GLU D 112 -4.78 -27.66 -11.92
N ASP D 113 -5.32 -27.32 -13.09
CA ASP D 113 -6.54 -26.52 -13.18
C ASP D 113 -7.71 -27.39 -13.65
N CYS D 114 -8.89 -26.78 -13.72
CA CYS D 114 -10.13 -27.52 -13.97
C CYS D 114 -11.15 -26.63 -14.67
N PRO D 115 -11.13 -26.59 -16.01
CA PRO D 115 -12.19 -25.87 -16.74
C PRO D 115 -13.58 -26.52 -16.68
N SER D 116 -13.71 -27.79 -16.27
CA SER D 116 -15.00 -28.46 -16.29
C SER D 116 -15.18 -29.30 -15.03
N ILE D 117 -16.38 -29.21 -14.43
CA ILE D 117 -16.62 -29.90 -13.17
C ILE D 117 -16.30 -31.38 -13.29
N GLU D 119 -15.42 -33.17 -16.62
CA GLU D 119 -14.49 -33.61 -17.66
C GLU D 119 -13.07 -33.68 -17.11
N GLN D 120 -12.62 -32.62 -16.42
CA GLN D 120 -11.29 -32.64 -15.81
C GLN D 120 -11.22 -33.53 -14.58
N PHE D 121 -12.36 -33.93 -14.00
CA PHE D 121 -12.43 -35.04 -13.05
C PHE D 121 -13.89 -35.38 -12.74
N HIS D 122 -14.29 -36.63 -13.03
CA HIS D 122 -15.68 -37.09 -12.96
C HIS D 122 -16.38 -36.76 -11.65
N LEU D 123 -17.30 -35.79 -11.68
CA LEU D 123 -18.02 -35.35 -10.49
C LEU D 123 -19.14 -34.41 -10.90
N ARG D 124 -20.29 -34.56 -10.26
CA ARG D 124 -21.41 -33.68 -10.55
C ARG D 124 -21.09 -32.25 -10.11
N GLU D 125 -21.28 -31.97 -8.82
CA GLU D 125 -20.94 -30.67 -8.25
C GLU D 125 -20.14 -30.90 -6.99
N ILE D 126 -19.09 -30.11 -6.81
CA ILE D 126 -18.28 -30.20 -5.59
C ILE D 126 -19.02 -29.51 -4.45
N HIS D 127 -19.17 -30.21 -3.33
CA HIS D 127 -19.98 -29.73 -2.22
C HIS D 127 -19.17 -29.15 -1.06
N SER D 128 -17.90 -29.52 -0.93
CA SER D 128 -16.99 -28.85 -0.01
C SER D 128 -15.57 -29.34 -0.32
N CYS D 129 -14.58 -28.79 0.40
CA CYS D 129 -13.19 -28.92 -0.02
C CYS D 129 -12.28 -28.52 1.14
N LYS D 130 -10.97 -28.53 0.86
CA LYS D 130 -9.94 -28.09 1.79
C LYS D 130 -8.57 -28.02 1.10
N VAL D 131 -7.96 -26.83 1.04
CA VAL D 131 -6.63 -26.67 0.46
C VAL D 131 -5.57 -26.99 1.50
N VAL D 132 -4.44 -27.51 1.03
CA VAL D 132 -3.34 -27.83 1.94
C VAL D 132 -2.28 -26.73 1.93
N GLU D 133 -2.26 -25.89 0.89
CA GLU D 133 -1.55 -24.62 0.91
C GLU D 133 -1.95 -23.86 -0.34
N GLY D 134 -1.55 -22.59 -0.39
CA GLY D 134 -1.88 -21.75 -1.53
C GLY D 134 -3.29 -21.21 -1.48
N THR D 135 -3.64 -20.44 -2.50
CA THR D 135 -4.95 -19.83 -2.63
C THR D 135 -5.58 -20.23 -3.95
N TRP D 136 -6.86 -20.61 -3.91
CA TRP D 136 -7.56 -21.12 -5.08
C TRP D 136 -8.84 -20.31 -5.31
N ILE D 137 -9.40 -20.43 -6.53
CA ILE D 137 -10.59 -19.70 -6.95
C ILE D 137 -11.62 -20.65 -7.57
N PHE D 138 -12.85 -20.60 -7.06
CA PHE D 138 -14.01 -21.32 -7.58
C PHE D 138 -14.78 -20.47 -8.58
N TYR D 139 -15.37 -21.12 -9.57
CA TYR D 139 -16.16 -20.42 -10.58
C TYR D 139 -17.50 -21.11 -10.72
N GLU D 140 -18.57 -20.31 -10.59
CA GLU D 140 -19.94 -20.85 -10.58
C GLU D 140 -20.24 -21.70 -11.81
N LEU D 141 -19.64 -21.39 -12.95
CA LEU D 141 -19.86 -22.17 -14.16
C LEU D 141 -18.54 -22.52 -14.82
N PRO D 142 -18.46 -23.63 -15.54
CA PRO D 142 -17.16 -24.13 -15.98
C PRO D 142 -16.57 -23.28 -17.11
N ASN D 143 -15.29 -23.54 -17.39
CA ASN D 143 -14.42 -22.68 -18.19
C ASN D 143 -14.20 -21.33 -17.52
N TYR D 144 -14.41 -21.29 -16.20
CA TYR D 144 -14.03 -20.23 -15.27
C TYR D 144 -14.94 -19.00 -15.36
N ARG D 145 -16.21 -19.20 -15.67
N ARG D 145 -16.21 -19.19 -15.70
CA ARG D 145 -17.14 -18.09 -15.79
CA ARG D 145 -17.16 -18.10 -15.83
C ARG D 145 -18.03 -18.00 -14.55
C ARG D 145 -18.04 -18.01 -14.58
N GLY D 146 -18.82 -16.95 -14.50
CA GLY D 146 -19.76 -16.77 -13.41
C GLY D 146 -19.16 -16.16 -12.16
N ARG D 147 -19.87 -16.36 -11.04
CA ARG D 147 -19.46 -15.81 -9.77
C ARG D 147 -18.11 -16.39 -9.35
N GLN D 148 -17.14 -15.50 -9.17
CA GLN D 148 -15.85 -15.89 -8.62
C GLN D 148 -15.94 -15.97 -7.09
N TYR D 149 -15.15 -16.88 -6.52
CA TYR D 149 -15.11 -17.12 -5.09
C TYR D 149 -13.67 -17.44 -4.71
N LEU D 150 -13.27 -17.10 -3.49
CA LEU D 150 -11.86 -17.09 -3.12
C LEU D 150 -11.62 -17.90 -1.86
N LEU D 151 -10.62 -18.79 -1.93
CA LEU D 151 -10.28 -19.65 -0.81
C LEU D 151 -8.81 -19.51 -0.52
N ASP D 152 -8.50 -19.23 0.75
CA ASP D 152 -7.16 -19.27 1.30
C ASP D 152 -6.87 -20.66 1.86
N LYS D 153 -5.57 -20.93 2.08
CA LYS D 153 -5.13 -22.17 2.71
C LYS D 153 -5.91 -22.38 4.02
N LYS D 154 -6.91 -23.23 3.96
CA LYS D 154 -7.80 -23.49 5.10
C LYS D 154 -8.57 -24.77 4.80
N GLU D 155 -9.55 -25.08 5.65
CA GLU D 155 -10.48 -26.18 5.44
C GLU D 155 -11.89 -25.61 5.34
N TYR D 156 -12.66 -26.11 4.39
CA TYR D 156 -14.05 -25.71 4.23
C TYR D 156 -14.95 -26.93 4.43
N ARG D 157 -16.22 -26.66 4.73
CA ARG D 157 -17.16 -27.75 5.01
C ARG D 157 -18.55 -27.45 4.51
N LYS D 158 -18.70 -26.47 3.61
CA LYS D 158 -20.00 -26.07 3.09
C LYS D 158 -19.81 -25.06 1.97
N PRO D 159 -20.68 -25.06 0.95
CA PRO D 159 -20.64 -23.97 -0.04
C PRO D 159 -21.11 -22.66 0.57
N VAL D 160 -21.44 -22.69 1.86
CA VAL D 160 -21.65 -21.49 2.67
C VAL D 160 -20.53 -21.24 3.66
N ASP D 161 -19.65 -22.22 3.92
CA ASP D 161 -18.40 -21.94 4.61
C ASP D 161 -17.51 -21.03 3.77
N TRP D 162 -17.65 -21.08 2.45
CA TRP D 162 -17.26 -19.98 1.57
C TRP D 162 -18.54 -19.30 1.08
N GLY D 163 -18.45 -18.02 0.76
CA GLY D 163 -19.66 -17.28 0.39
C GLY D 163 -20.20 -17.65 -0.98
N ALA D 164 -21.35 -18.33 -1.01
CA ALA D 164 -22.03 -18.70 -2.24
C ALA D 164 -23.48 -19.05 -1.90
N ALA D 165 -24.24 -19.41 -2.93
CA ALA D 165 -25.65 -19.74 -2.75
C ALA D 165 -25.89 -21.23 -2.88
N SER D 166 -25.99 -21.69 -4.12
CA SER D 166 -26.01 -23.10 -4.41
C SER D 166 -24.61 -23.68 -4.20
N PRO D 167 -24.50 -25.01 -4.11
CA PRO D 167 -23.18 -25.65 -4.21
C PRO D 167 -22.68 -25.66 -5.64
N ALA D 168 -23.29 -24.81 -6.48
CA ALA D 168 -22.96 -24.68 -7.88
C ALA D 168 -21.49 -24.34 -8.07
N ILE D 169 -20.69 -25.32 -8.46
CA ILE D 169 -19.27 -25.05 -8.64
C ILE D 169 -18.65 -26.01 -9.65
N GLN D 170 -18.09 -25.44 -10.72
CA GLN D 170 -17.59 -26.24 -11.83
C GLN D 170 -16.13 -26.01 -12.19
N SER D 171 -15.49 -24.93 -11.71
CA SER D 171 -14.10 -24.66 -12.07
C SER D 171 -13.27 -24.24 -10.88
N PHE D 172 -11.97 -24.54 -10.95
CA PHE D 172 -11.00 -24.24 -9.90
C PHE D 172 -9.67 -23.85 -10.53
N ARG D 173 -9.14 -22.71 -10.13
CA ARG D 173 -7.90 -22.16 -10.66
C ARG D 173 -6.96 -21.77 -9.53
N ARG D 174 -5.66 -21.97 -9.76
CA ARG D 174 -4.62 -21.60 -8.82
C ARG D 174 -4.24 -20.12 -8.98
N ILE D 175 -3.65 -19.54 -7.92
CA ILE D 175 -3.07 -18.20 -7.98
C ILE D 175 -1.57 -18.32 -7.75
N VAL D 176 -0.79 -17.48 -8.43
CA VAL D 176 0.65 -17.40 -8.17
C VAL D 176 1.06 -15.92 -8.18
N GLU D 177 1.74 -15.50 -7.12
CA GLU D 177 2.31 -14.14 -7.05
C GLU D 177 3.47 -14.10 -6.05
#